data_6DXN
#
_entry.id   6DXN
#
_cell.length_a   42.401
_cell.length_b   42.392
_cell.length_c   103.949
_cell.angle_alpha   90.27
_cell.angle_beta   89.78
_cell.angle_gamma   96.00
#
_symmetry.space_group_name_H-M   'P 1'
#
loop_
_entity.id
_entity.type
_entity.pdbx_description
1 polymer 'Thiol:disulfide interchange protein'
2 non-polymer 'TRIETHYLENE GLYCOL'
3 water water
#
_entity_poly.entity_id   1
_entity_poly.type   'polypeptide(L)'
_entity_poly.pdbx_seq_one_letter_code
;SNAKDYQAGKNFTVIHSTVKQPPPLVEFFSFYCGPCYAFAERINVDTAIRKRLPDD(MSE)KLEKYHVSQ(MSE)GPLGP
ALTEAWAVAQYAGVDGKVEKLLFEGLQVKRDIKTAADIVKVFNQLGITSEKYAE(MSE)QSNF(MSE)VKALIARQDNLV
EK(MSE)KVHGTPSFYVSGKYHINNASLAQDDYDTYAED(MSE)ANLVLFLLNKPL
;
_entity_poly.pdbx_strand_id   A,B,C,D
#
# COMPACT_ATOMS: atom_id res chain seq x y z
N ASN A 2 -4.38 64.54 -9.16
CA ASN A 2 -3.46 63.68 -8.35
C ASN A 2 -4.17 62.35 -8.01
N ALA A 3 -4.99 62.38 -6.95
CA ALA A 3 -5.72 61.20 -6.48
C ALA A 3 -6.89 60.91 -7.43
N LYS A 4 -6.92 59.68 -7.96
CA LYS A 4 -7.95 59.28 -8.91
C LYS A 4 -9.28 59.02 -8.21
N ASP A 5 -10.37 59.32 -8.92
CA ASP A 5 -11.74 59.14 -8.45
C ASP A 5 -12.29 57.83 -9.02
N TYR A 6 -11.81 56.70 -8.48
CA TYR A 6 -12.24 55.36 -8.92
C TYR A 6 -13.77 55.26 -8.91
N GLN A 7 -14.30 54.77 -10.03
CA GLN A 7 -15.74 54.72 -10.29
C GLN A 7 -16.31 53.31 -10.10
N ALA A 8 -17.47 53.25 -9.42
CA ALA A 8 -18.20 52.00 -9.26
C ALA A 8 -18.65 51.55 -10.65
N GLY A 9 -18.54 50.25 -10.91
CA GLY A 9 -18.89 49.65 -12.20
C GLY A 9 -17.66 49.43 -13.05
N LYS A 10 -16.81 50.47 -13.12
CA LYS A 10 -15.58 50.43 -13.91
C LYS A 10 -14.44 49.76 -13.14
N ASN A 11 -14.16 50.27 -11.93
CA ASN A 11 -13.03 49.87 -11.09
C ASN A 11 -13.43 48.85 -10.02
N PHE A 12 -14.72 48.75 -9.71
CA PHE A 12 -15.15 47.84 -8.66
C PHE A 12 -16.67 47.68 -8.68
N THR A 13 -17.15 46.56 -8.13
CA THR A 13 -18.58 46.27 -8.02
C THR A 13 -18.94 46.17 -6.53
N VAL A 14 -20.15 46.67 -6.20
CA VAL A 14 -20.66 46.64 -4.85
C VAL A 14 -21.37 45.30 -4.63
N ILE A 15 -20.66 44.37 -3.98
CA ILE A 15 -21.14 43.02 -3.67
C ILE A 15 -22.02 43.07 -2.41
N HIS A 16 -22.81 42.02 -2.21
CA HIS A 16 -23.66 41.88 -1.04
C HIS A 16 -23.36 40.55 -0.34
N SER A 17 -22.82 40.64 0.88
CA SER A 17 -22.48 39.46 1.68
C SER A 17 -23.35 39.46 2.94
N THR A 18 -23.45 38.28 3.56
CA THR A 18 -24.22 38.08 4.78
C THR A 18 -23.23 37.95 5.96
N VAL A 19 -21.95 37.77 5.63
CA VAL A 19 -20.86 37.62 6.62
C VAL A 19 -20.93 38.77 7.62
N LYS A 20 -20.98 38.42 8.90
CA LYS A 20 -21.09 39.41 9.97
C LYS A 20 -19.79 40.23 10.06
N GLN A 21 -18.65 39.54 10.18
CA GLN A 21 -17.36 40.22 10.33
C GLN A 21 -16.42 39.81 9.19
N PRO A 22 -16.56 40.42 8.00
CA PRO A 22 -15.70 40.10 6.86
C PRO A 22 -14.32 40.72 7.02
N PRO A 23 -13.24 40.09 6.49
CA PRO A 23 -11.91 40.67 6.57
C PRO A 23 -11.96 42.08 5.99
N PRO A 24 -11.25 43.04 6.59
CA PRO A 24 -11.20 44.39 6.02
C PRO A 24 -10.63 44.34 4.60
N LEU A 25 -9.72 43.38 4.37
CA LEU A 25 -9.07 43.24 3.08
C LEU A 25 -8.66 41.77 2.89
N VAL A 26 -9.18 41.14 1.84
CA VAL A 26 -8.88 39.75 1.56
C VAL A 26 -8.69 39.59 0.05
N GLU A 27 -7.68 38.78 -0.30
CA GLU A 27 -7.35 38.38 -1.66
C GLU A 27 -7.57 36.87 -1.74
N PHE A 28 -8.58 36.46 -2.51
CA PHE A 28 -8.80 35.03 -2.72
C PHE A 28 -7.80 34.60 -3.81
N PHE A 29 -7.11 33.49 -3.56
CA PHE A 29 -6.11 33.08 -4.51
C PHE A 29 -6.02 31.54 -4.54
N SER A 30 -5.26 31.06 -5.53
CA SER A 30 -4.99 29.65 -5.69
C SER A 30 -3.52 29.51 -6.09
N PHE A 31 -2.83 28.57 -5.45
CA PHE A 31 -1.45 28.36 -5.78
C PHE A 31 -1.33 27.82 -7.22
N TYR A 32 -2.44 27.39 -7.83
CA TYR A 32 -2.47 26.85 -9.22
C TYR A 32 -2.66 27.98 -10.25
N CYS A 33 -3.12 29.14 -9.78
CA CYS A 33 -3.46 30.29 -10.64
C CYS A 33 -2.23 31.11 -11.03
N GLY A 34 -1.98 31.22 -12.35
CA GLY A 34 -0.82 31.96 -12.86
C GLY A 34 -0.80 33.41 -12.38
N PRO A 35 -1.87 34.19 -12.64
CA PRO A 35 -1.95 35.57 -12.19
C PRO A 35 -1.81 35.70 -10.66
N CYS A 36 -2.24 34.66 -9.92
CA CYS A 36 -2.08 34.67 -8.46
C CYS A 36 -0.59 34.69 -8.13
N TYR A 37 0.18 33.92 -8.89
CA TYR A 37 1.62 33.85 -8.70
C TYR A 37 2.24 35.21 -9.05
N ALA A 38 1.85 35.78 -10.19
CA ALA A 38 2.39 37.07 -10.66
C ALA A 38 2.10 38.18 -9.64
N PHE A 39 0.92 38.13 -9.02
CA PHE A 39 0.52 39.12 -8.01
C PHE A 39 1.43 39.05 -6.77
N ALA A 40 1.93 37.85 -6.46
CA ALA A 40 2.75 37.68 -5.28
C ALA A 40 4.26 37.75 -5.59
N GLU A 41 4.67 37.56 -6.86
CA GLU A 41 6.11 37.46 -7.16
C GLU A 41 6.57 38.28 -8.38
N ARG A 42 5.72 38.48 -9.38
CA ARG A 42 6.13 39.20 -10.62
C ARG A 42 5.67 40.65 -10.60
N ILE A 43 4.35 40.87 -10.60
CA ILE A 43 3.75 42.20 -10.58
C ILE A 43 3.99 42.81 -9.19
N ASN A 44 3.94 41.96 -8.16
CA ASN A 44 4.16 42.38 -6.79
C ASN A 44 3.04 43.35 -6.38
N VAL A 45 1.81 42.94 -6.70
CA VAL A 45 0.62 43.67 -6.29
C VAL A 45 0.51 43.56 -4.78
N ASP A 46 0.90 42.40 -4.23
CA ASP A 46 0.76 42.11 -2.79
C ASP A 46 1.67 43.00 -1.94
N THR A 47 2.95 43.14 -2.31
CA THR A 47 3.87 44.01 -1.54
C THR A 47 3.43 45.48 -1.64
N ALA A 48 3.03 45.88 -2.85
CA ALA A 48 2.58 47.26 -3.11
C ALA A 48 1.45 47.64 -2.12
N ILE A 49 0.43 46.78 -2.07
CA ILE A 49 -0.71 46.98 -1.18
C ILE A 49 -0.25 47.05 0.30
N ARG A 50 0.59 46.10 0.74
CA ARG A 50 1.02 46.03 2.16
C ARG A 50 1.81 47.26 2.58
N LYS A 51 2.69 47.70 1.68
CA LYS A 51 3.55 48.86 1.86
C LYS A 51 2.73 50.11 2.18
N ARG A 52 1.46 50.12 1.76
CA ARG A 52 0.58 51.31 1.89
C ARG A 52 -0.49 51.16 2.98
N LEU A 53 -0.60 49.97 3.62
CA LEU A 53 -1.63 49.73 4.64
C LEU A 53 -1.19 50.31 5.98
N PRO A 54 -2.15 50.57 6.91
CA PRO A 54 -1.81 50.97 8.28
C PRO A 54 -1.38 49.73 9.10
N ASP A 55 -0.76 49.97 10.26
CA ASP A 55 -0.21 48.92 11.13
C ASP A 55 -1.26 47.94 11.65
N ASP A 56 -2.48 48.42 11.92
CA ASP A 56 -3.55 47.56 12.48
C ASP A 56 -4.41 46.99 11.36
N LYS A 58 -3.83 44.07 7.83
CA LYS A 58 -3.02 43.31 6.90
C LYS A 58 -3.85 42.89 5.69
N LEU A 59 -3.13 42.48 4.65
CA LEU A 59 -3.72 41.87 3.50
C LEU A 59 -3.92 40.40 3.89
N GLU A 60 -5.17 39.97 4.03
CA GLU A 60 -5.43 38.57 4.35
C GLU A 60 -5.52 37.79 3.03
N LYS A 61 -4.81 36.67 2.98
CA LYS A 61 -4.84 35.85 1.79
C LYS A 61 -5.54 34.54 2.15
N TYR A 62 -6.65 34.30 1.46
CA TYR A 62 -7.48 33.12 1.64
C TYR A 62 -7.33 32.22 0.42
N HIS A 63 -6.87 30.98 0.66
CA HIS A 63 -6.67 30.01 -0.40
C HIS A 63 -8.01 29.35 -0.77
N VAL A 64 -8.21 29.12 -2.08
CA VAL A 64 -9.46 28.51 -2.64
C VAL A 64 -9.29 26.98 -2.72
N SER A 65 -9.98 26.27 -1.82
CA SER A 65 -9.90 24.79 -1.71
C SER A 65 -10.55 24.05 -2.88
N GLN A 66 -11.60 24.65 -3.46
CA GLN A 66 -12.37 24.00 -4.53
C GLN A 66 -11.64 24.05 -5.88
N GLY A 68 -8.55 22.68 -8.19
CA GLY A 68 -7.52 21.64 -8.42
C GLY A 68 -7.52 20.50 -7.39
N PRO A 69 -6.84 19.38 -7.70
CA PRO A 69 -6.77 18.23 -6.79
C PRO A 69 -6.17 18.54 -5.40
N LEU A 70 -5.10 19.35 -5.36
CA LEU A 70 -4.38 19.69 -4.10
C LEU A 70 -5.06 20.82 -3.31
N GLY A 71 -6.05 21.48 -3.94
CA GLY A 71 -6.75 22.64 -3.33
C GLY A 71 -6.87 22.53 -1.81
N PRO A 72 -7.57 21.50 -1.27
CA PRO A 72 -7.71 21.34 0.18
C PRO A 72 -6.36 21.22 0.92
N ALA A 73 -5.45 20.35 0.44
CA ALA A 73 -4.14 20.17 1.10
C ALA A 73 -3.42 21.52 1.22
N LEU A 74 -3.54 22.34 0.17
CA LEU A 74 -2.94 23.66 0.05
C LEU A 74 -3.60 24.67 1.02
N THR A 75 -4.93 24.61 1.18
CA THR A 75 -5.60 25.53 2.12
C THR A 75 -5.13 25.20 3.54
N GLU A 76 -4.82 23.92 3.77
CA GLU A 76 -4.33 23.47 5.03
C GLU A 76 -2.88 23.93 5.19
N ALA A 77 -2.08 23.78 4.12
CA ALA A 77 -0.68 24.16 4.18
C ALA A 77 -0.55 25.67 4.43
N TRP A 78 -1.45 26.46 3.83
CA TRP A 78 -1.39 27.92 4.01
C TRP A 78 -1.72 28.28 5.48
N ALA A 79 -2.72 27.59 6.04
CA ALA A 79 -3.15 27.78 7.42
C ALA A 79 -2.01 27.44 8.39
N VAL A 80 -1.35 26.31 8.15
CA VAL A 80 -0.21 25.89 8.97
C VAL A 80 0.92 26.91 8.79
N ALA A 81 1.10 27.35 7.53
CA ALA A 81 2.16 28.32 7.15
C ALA A 81 2.07 29.60 7.99
N GLN A 82 0.85 30.08 8.22
CA GLN A 82 0.60 31.34 8.95
C GLN A 82 0.67 31.10 10.47
N TYR A 83 0.26 29.90 10.90
CA TYR A 83 0.30 29.52 12.31
C TYR A 83 1.76 29.38 12.75
N ALA A 84 2.57 28.76 11.87
CA ALA A 84 4.00 28.60 12.08
C ALA A 84 4.71 29.92 11.76
N GLY A 85 3.97 30.83 11.12
CA GLY A 85 4.48 32.14 10.77
C GLY A 85 5.49 32.10 9.62
N VAL A 86 5.57 30.96 8.91
CA VAL A 86 6.51 30.80 7.78
C VAL A 86 5.75 31.04 6.46
N ASP A 87 4.58 31.68 6.54
CA ASP A 87 3.73 31.97 5.39
C ASP A 87 4.45 32.92 4.42
N GLY A 88 5.42 33.69 4.94
CA GLY A 88 6.18 34.65 4.13
C GLY A 88 7.19 33.97 3.23
N LYS A 89 7.72 32.82 3.67
CA LYS A 89 8.73 32.08 2.90
C LYS A 89 8.11 30.97 2.03
N VAL A 90 7.16 30.23 2.59
CA VAL A 90 6.58 29.06 1.92
C VAL A 90 5.73 29.47 0.71
N GLU A 91 5.23 30.72 0.69
CA GLU A 91 4.36 31.13 -0.39
C GLU A 91 5.01 30.91 -1.76
N LYS A 92 6.20 31.48 -1.97
CA LYS A 92 6.88 31.39 -3.30
C LYS A 92 7.24 29.94 -3.65
N LEU A 93 7.53 29.12 -2.64
CA LEU A 93 7.93 27.73 -2.81
C LEU A 93 6.75 26.85 -3.26
N LEU A 94 5.53 27.22 -2.86
CA LEU A 94 4.33 26.46 -3.26
C LEU A 94 3.96 26.82 -4.71
N PHE A 95 4.07 28.12 -5.06
CA PHE A 95 3.81 28.56 -6.41
C PHE A 95 4.83 27.90 -7.36
N GLU A 96 6.10 27.89 -6.96
CA GLU A 96 7.15 27.26 -7.78
C GLU A 96 6.85 25.75 -7.89
N GLY A 97 6.59 25.11 -6.73
CA GLY A 97 6.32 23.65 -6.68
C GLY A 97 5.14 23.24 -7.55
N LEU A 98 4.28 24.20 -7.90
CA LEU A 98 3.09 23.90 -8.69
C LEU A 98 3.16 24.45 -10.11
N GLN A 99 3.80 25.60 -10.31
CA GLN A 99 3.75 26.25 -11.61
C GLN A 99 5.12 26.35 -12.32
N VAL A 100 6.20 26.14 -11.57
CA VAL A 100 7.53 26.23 -12.12
C VAL A 100 8.09 24.79 -12.28
N LYS A 101 8.26 24.10 -11.15
CA LYS A 101 8.86 22.77 -11.18
C LYS A 101 7.78 21.68 -11.28
N ARG A 102 6.52 22.04 -11.03
CA ARG A 102 5.38 21.13 -10.97
C ARG A 102 5.84 19.78 -10.40
N ASP A 103 6.51 19.85 -9.24
CA ASP A 103 6.98 18.66 -8.55
C ASP A 103 6.08 18.41 -7.33
N ILE A 104 5.10 19.31 -7.12
CA ILE A 104 4.12 19.07 -6.05
C ILE A 104 2.90 18.42 -6.70
N LYS A 105 2.80 17.10 -6.55
CA LYS A 105 1.73 16.32 -7.14
C LYS A 105 0.80 15.76 -6.07
N THR A 106 1.34 15.54 -4.85
CA THR A 106 0.58 14.94 -3.74
C THR A 106 0.69 15.78 -2.46
N ALA A 107 -0.16 15.44 -1.47
CA ALA A 107 -0.16 16.07 -0.17
C ALA A 107 1.20 15.85 0.52
N ALA A 108 1.81 14.68 0.30
CA ALA A 108 3.10 14.36 0.92
C ALA A 108 4.20 15.28 0.36
N ASP A 109 4.02 15.77 -0.86
CA ASP A 109 5.00 16.65 -1.50
C ASP A 109 4.95 18.07 -0.93
N ILE A 110 3.77 18.48 -0.45
CA ILE A 110 3.64 19.80 0.16
C ILE A 110 4.42 19.82 1.48
N VAL A 111 4.37 18.70 2.22
CA VAL A 111 5.05 18.56 3.49
C VAL A 111 6.56 18.69 3.27
N LYS A 112 7.05 18.18 2.12
CA LYS A 112 8.48 18.25 1.82
C LYS A 112 8.96 19.71 1.76
N VAL A 113 8.09 20.63 1.34
CA VAL A 113 8.47 22.06 1.28
C VAL A 113 8.78 22.55 2.70
N PHE A 114 7.91 22.18 3.65
CA PHE A 114 8.01 22.57 5.07
C PHE A 114 9.27 21.97 5.72
N ASN A 115 9.64 20.76 5.28
CA ASN A 115 10.82 20.05 5.79
C ASN A 115 12.09 20.86 5.50
N GLN A 116 12.14 21.46 4.30
N GLN A 116 12.14 21.46 4.30
CA GLN A 116 13.27 22.26 3.83
CA GLN A 116 13.28 22.25 3.84
C GLN A 116 13.40 23.56 4.64
C GLN A 116 13.41 23.54 4.66
N LEU A 117 12.33 23.93 5.36
CA LEU A 117 12.31 25.15 6.18
C LEU A 117 12.61 24.83 7.65
N GLY A 118 12.67 23.54 7.99
CA GLY A 118 12.98 23.11 9.37
C GLY A 118 11.74 22.67 10.13
N ILE A 119 10.69 22.31 9.41
CA ILE A 119 9.46 21.81 10.01
C ILE A 119 9.35 20.32 9.65
N THR A 120 9.61 19.47 10.65
CA THR A 120 9.57 18.02 10.46
C THR A 120 8.14 17.59 10.12
N SER A 121 8.01 16.41 9.51
CA SER A 121 6.72 15.84 9.16
C SER A 121 5.88 15.63 10.42
N GLU A 122 6.53 15.34 11.56
CA GLU A 122 5.83 15.15 12.85
C GLU A 122 5.26 16.48 13.35
N LYS A 123 6.02 17.57 13.20
CA LYS A 123 5.54 18.90 13.64
C LYS A 123 4.42 19.35 12.68
N TYR A 124 4.53 18.99 11.40
CA TYR A 124 3.51 19.39 10.42
C TYR A 124 2.19 18.70 10.75
N ALA A 125 2.27 17.42 11.13
CA ALA A 125 1.09 16.62 11.49
C ALA A 125 0.45 17.19 12.75
N GLU A 126 1.30 17.62 13.70
N GLU A 126 1.31 17.61 13.69
CA GLU A 126 0.84 18.21 14.97
CA GLU A 126 0.89 18.21 14.95
C GLU A 126 0.06 19.50 14.69
C GLU A 126 0.06 19.48 14.66
N GLN A 128 -1.39 20.34 11.78
CA GLN A 128 -2.61 20.02 11.03
C GLN A 128 -3.80 19.81 11.97
N SER A 129 -3.52 19.42 13.22
CA SER A 129 -4.54 19.11 14.21
C SER A 129 -4.98 20.36 14.99
N ASN A 130 -4.03 21.29 15.19
CA ASN A 130 -4.21 22.53 15.98
C ASN A 130 -5.58 23.16 15.73
N PHE A 131 -6.21 23.59 16.83
CA PHE A 131 -7.55 24.19 16.78
C PHE A 131 -7.57 25.49 15.95
N VAL A 133 -5.50 26.25 13.49
CA VAL A 133 -5.24 25.89 12.09
C VAL A 133 -6.55 25.48 11.42
N LYS A 134 -7.32 24.64 12.12
CA LYS A 134 -8.60 24.12 11.63
C LYS A 134 -9.61 25.26 11.48
N ALA A 135 -9.57 26.22 12.42
CA ALA A 135 -10.50 27.35 12.39
C ALA A 135 -10.24 28.21 11.15
N LEU A 136 -8.96 28.38 10.79
CA LEU A 136 -8.57 29.21 9.65
C LEU A 136 -8.93 28.50 8.33
N ILE A 137 -8.76 27.18 8.30
CA ILE A 137 -9.13 26.38 7.12
C ILE A 137 -10.64 26.54 6.87
N ALA A 138 -11.44 26.47 7.94
CA ALA A 138 -12.90 26.56 7.79
C ALA A 138 -13.30 27.98 7.37
N ARG A 139 -12.61 28.99 7.93
CA ARG A 139 -12.85 30.41 7.61
C ARG A 139 -12.65 30.65 6.10
N GLN A 140 -11.54 30.15 5.59
CA GLN A 140 -11.16 30.29 4.18
C GLN A 140 -12.25 29.68 3.27
N ASP A 141 -12.66 28.43 3.54
CA ASP A 141 -13.68 27.73 2.75
C ASP A 141 -15.05 28.41 2.87
N ASN A 142 -15.40 28.82 4.08
CA ASN A 142 -16.72 29.44 4.34
C ASN A 142 -16.88 30.76 3.58
N LEU A 143 -15.81 31.58 3.56
CA LEU A 143 -15.89 32.90 2.90
C LEU A 143 -15.89 32.77 1.37
N VAL A 144 -15.23 31.74 0.83
CA VAL A 144 -15.25 31.56 -0.63
C VAL A 144 -16.72 31.36 -1.05
N GLU A 145 -17.48 30.66 -0.21
CA GLU A 145 -18.91 30.43 -0.46
C GLU A 145 -19.70 31.72 -0.19
N LYS A 146 -19.64 32.24 1.05
CA LYS A 146 -20.43 33.43 1.43
C LYS A 146 -20.16 34.62 0.49
N LYS A 148 -19.09 34.53 -2.48
CA LYS A 148 -19.45 34.12 -3.85
C LYS A 148 -18.27 34.35 -4.81
N VAL A 149 -17.09 33.89 -4.41
CA VAL A 149 -15.88 34.05 -5.21
C VAL A 149 -16.02 33.20 -6.48
N HIS A 150 -15.57 33.74 -7.62
CA HIS A 150 -15.70 33.06 -8.92
C HIS A 150 -14.41 33.17 -9.76
N GLY A 151 -13.35 33.73 -9.16
CA GLY A 151 -12.09 33.90 -9.86
C GLY A 151 -10.97 34.29 -8.92
N THR A 152 -9.72 34.13 -9.39
CA THR A 152 -8.53 34.45 -8.60
C THR A 152 -7.47 35.07 -9.50
N PRO A 153 -6.69 36.02 -8.98
CA PRO A 153 -6.81 36.51 -7.62
C PRO A 153 -7.98 37.50 -7.53
N SER A 154 -8.71 37.45 -6.41
CA SER A 154 -9.88 38.28 -6.25
C SER A 154 -9.78 39.07 -4.93
N PHE A 155 -9.80 40.41 -5.05
CA PHE A 155 -9.69 41.28 -3.86
C PHE A 155 -11.08 41.82 -3.46
N TYR A 156 -11.36 41.77 -2.15
CA TYR A 156 -12.60 42.26 -1.53
C TYR A 156 -12.23 43.20 -0.37
N VAL A 157 -12.84 44.40 -0.38
CA VAL A 157 -12.63 45.41 0.64
C VAL A 157 -13.94 45.54 1.45
N SER A 158 -13.81 45.49 2.79
CA SER A 158 -14.95 45.66 3.75
C SER A 158 -16.09 44.68 3.44
N GLY A 159 -15.75 43.61 2.72
CA GLY A 159 -16.70 42.57 2.33
C GLY A 159 -17.83 43.08 1.45
N LYS A 160 -17.65 44.26 0.83
CA LYS A 160 -18.72 44.89 0.03
C LYS A 160 -18.23 45.34 -1.35
N TYR A 161 -16.93 45.59 -1.51
CA TYR A 161 -16.40 46.08 -2.79
C TYR A 161 -15.39 45.08 -3.38
N HIS A 162 -15.75 44.51 -4.54
CA HIS A 162 -14.91 43.58 -5.30
C HIS A 162 -14.22 44.37 -6.43
N ILE A 163 -12.89 44.38 -6.40
CA ILE A 163 -12.05 45.12 -7.35
C ILE A 163 -12.07 44.47 -8.73
N ASN A 164 -12.10 45.33 -9.76
CA ASN A 164 -12.04 44.89 -11.17
C ASN A 164 -10.58 45.02 -11.61
N ASN A 165 -9.85 43.91 -11.49
CA ASN A 165 -8.41 43.81 -11.77
C ASN A 165 -8.03 44.41 -13.13
N ALA A 166 -8.85 44.16 -14.15
CA ALA A 166 -8.52 44.59 -15.53
C ALA A 166 -8.71 46.10 -15.74
N SER A 167 -9.40 46.76 -14.80
CA SER A 167 -9.75 48.19 -14.98
C SER A 167 -8.57 49.15 -14.76
N LEU A 168 -7.52 48.69 -14.06
CA LEU A 168 -6.38 49.55 -13.64
C LEU A 168 -5.39 49.86 -14.78
N ALA A 169 -4.47 50.78 -14.46
CA ALA A 169 -3.41 51.31 -15.34
C ALA A 169 -2.69 50.17 -16.05
N GLN A 170 -2.56 50.31 -17.38
CA GLN A 170 -2.00 49.27 -18.23
C GLN A 170 -0.59 49.59 -18.72
N ASP A 171 -0.06 50.77 -18.40
CA ASP A 171 1.30 51.19 -18.84
C ASP A 171 2.31 50.06 -18.61
N ASP A 172 2.61 49.76 -17.35
CA ASP A 172 3.53 48.65 -17.02
C ASP A 172 3.11 48.09 -15.65
N TYR A 173 3.78 47.01 -15.23
CA TYR A 173 3.37 46.29 -14.01
C TYR A 173 3.57 47.11 -12.73
N ASP A 174 4.63 47.92 -12.67
CA ASP A 174 4.95 48.74 -11.49
C ASP A 174 3.82 49.75 -11.26
N THR A 175 3.38 50.38 -12.36
CA THR A 175 2.32 51.38 -12.32
C THR A 175 1.00 50.69 -11.94
N TYR A 176 0.79 49.50 -12.51
CA TYR A 176 -0.42 48.72 -12.24
C TYR A 176 -0.51 48.42 -10.74
N ALA A 177 0.58 47.91 -10.16
CA ALA A 177 0.63 47.53 -8.74
C ALA A 177 0.33 48.75 -7.87
N GLU A 178 0.89 49.92 -8.23
CA GLU A 178 0.69 51.15 -7.48
C GLU A 178 -0.79 51.56 -7.56
N ASP A 179 -1.40 51.39 -8.74
CA ASP A 179 -2.80 51.78 -9.02
C ASP A 179 -3.74 50.88 -8.21
N ALA A 181 -2.96 49.36 -5.30
CA ALA A 181 -2.83 49.77 -3.90
C ALA A 181 -3.61 51.07 -3.66
N ASN A 182 -3.57 51.96 -4.65
CA ASN A 182 -4.31 53.23 -4.57
C ASN A 182 -5.81 52.95 -4.50
N LEU A 183 -6.31 52.09 -5.40
CA LEU A 183 -7.73 51.69 -5.44
C LEU A 183 -8.13 51.04 -4.11
N VAL A 184 -7.29 50.11 -3.62
CA VAL A 184 -7.58 49.44 -2.34
C VAL A 184 -7.80 50.51 -1.26
N LEU A 185 -6.88 51.46 -1.18
CA LEU A 185 -6.97 52.51 -0.16
C LEU A 185 -8.25 53.33 -0.33
N PHE A 186 -8.56 53.67 -1.58
CA PHE A 186 -9.76 54.44 -1.95
C PHE A 186 -11.00 53.71 -1.44
N LEU A 187 -10.95 52.38 -1.41
CA LEU A 187 -12.10 51.60 -0.96
C LEU A 187 -12.14 51.49 0.56
N LEU A 188 -10.97 51.40 1.21
CA LEU A 188 -10.92 51.29 2.68
C LEU A 188 -11.40 52.59 3.33
N ASN A 189 -11.17 53.72 2.63
CA ASN A 189 -11.50 55.06 3.10
C ASN A 189 -12.87 55.50 2.59
N LYS A 190 -13.76 54.54 2.34
CA LYS A 190 -15.10 54.84 1.83
C LYS A 190 -16.12 54.82 2.96
N PRO A 191 -17.08 55.77 2.97
CA PRO A 191 -18.12 55.84 4.00
C PRO A 191 -18.74 54.49 4.41
N LEU A 192 -19.11 54.38 5.68
CA LEU A 192 -19.71 53.18 6.23
C LEU A 192 -21.20 53.16 5.86
N ASN B 2 3.37 3.70 11.11
CA ASN B 2 3.13 2.28 10.70
C ASN B 2 1.80 2.19 9.93
N ALA B 3 1.85 1.50 8.79
CA ALA B 3 0.66 1.27 7.97
C ALA B 3 -0.05 0.03 8.52
N LYS B 4 -1.13 0.26 9.28
CA LYS B 4 -1.89 -0.84 9.91
C LYS B 4 -2.29 -1.88 8.87
N ASP B 5 -2.61 -3.08 9.35
CA ASP B 5 -3.05 -4.18 8.52
C ASP B 5 -4.52 -4.48 8.84
N TYR B 6 -5.40 -3.69 8.23
CA TYR B 6 -6.84 -3.84 8.43
C TYR B 6 -7.22 -5.28 8.08
N GLN B 7 -8.29 -5.77 8.72
CA GLN B 7 -8.72 -7.17 8.59
C GLN B 7 -10.16 -7.29 8.10
N ALA B 8 -10.37 -8.19 7.14
CA ALA B 8 -11.69 -8.47 6.63
C ALA B 8 -12.54 -8.96 7.81
N GLY B 9 -13.84 -8.62 7.77
CA GLY B 9 -14.76 -8.97 8.84
C GLY B 9 -14.87 -7.84 9.84
N LYS B 10 -13.73 -7.51 10.47
CA LYS B 10 -13.66 -6.47 11.48
C LYS B 10 -13.77 -5.07 10.83
N ASN B 11 -12.73 -4.69 10.09
CA ASN B 11 -12.63 -3.36 9.47
C ASN B 11 -13.51 -3.25 8.22
N PHE B 12 -13.74 -4.37 7.53
CA PHE B 12 -14.54 -4.33 6.31
C PHE B 12 -15.10 -5.72 6.01
N THR B 13 -15.99 -5.77 5.03
CA THR B 13 -16.62 -6.98 4.58
C THR B 13 -16.56 -7.04 3.04
N VAL B 14 -16.08 -8.18 2.52
CA VAL B 14 -16.01 -8.39 1.08
C VAL B 14 -17.43 -8.63 0.58
N ILE B 15 -17.83 -7.92 -0.47
CA ILE B 15 -19.19 -8.05 -1.02
C ILE B 15 -19.11 -8.46 -2.49
N HIS B 16 -20.25 -8.88 -3.02
CA HIS B 16 -20.43 -9.29 -4.41
C HIS B 16 -21.51 -8.40 -5.03
N SER B 17 -21.26 -7.95 -6.26
CA SER B 17 -22.21 -7.07 -6.96
C SER B 17 -22.27 -7.43 -8.45
N THR B 18 -23.49 -7.42 -8.98
CA THR B 18 -23.74 -7.71 -10.39
C THR B 18 -23.35 -6.49 -11.23
N VAL B 19 -23.19 -5.33 -10.57
CA VAL B 19 -22.82 -4.07 -11.21
C VAL B 19 -21.47 -4.25 -11.91
N LYS B 20 -21.51 -4.35 -13.25
CA LYS B 20 -20.34 -4.55 -14.09
C LYS B 20 -19.31 -3.44 -13.86
N GLN B 21 -19.80 -2.20 -13.66
CA GLN B 21 -18.90 -1.08 -13.45
C GLN B 21 -19.35 -0.26 -12.24
N PRO B 22 -18.86 -0.62 -11.04
CA PRO B 22 -19.18 0.13 -9.82
C PRO B 22 -18.17 1.25 -9.57
N PRO B 23 -18.59 2.34 -8.88
CA PRO B 23 -17.66 3.42 -8.56
C PRO B 23 -16.38 2.93 -7.91
N PRO B 24 -15.19 3.40 -8.34
CA PRO B 24 -13.96 3.01 -7.66
C PRO B 24 -14.08 3.29 -6.15
N LEU B 25 -14.83 4.36 -5.80
CA LEU B 25 -15.05 4.76 -4.40
C LEU B 25 -16.36 5.55 -4.29
N VAL B 26 -17.28 5.02 -3.48
CA VAL B 26 -18.57 5.67 -3.29
C VAL B 26 -18.91 5.69 -1.81
N GLU B 27 -19.45 6.86 -1.40
CA GLU B 27 -19.98 7.12 -0.08
C GLU B 27 -21.48 7.38 -0.23
N PHE B 28 -22.31 6.44 0.20
CA PHE B 28 -23.75 6.65 0.16
C PHE B 28 -24.14 7.49 1.38
N PHE B 29 -24.91 8.56 1.13
CA PHE B 29 -25.24 9.48 2.19
C PHE B 29 -26.66 10.04 2.01
N SER B 30 -27.15 10.66 3.09
CA SER B 30 -28.44 11.31 3.12
C SER B 30 -28.25 12.68 3.75
N PHE B 31 -28.79 13.72 3.11
CA PHE B 31 -28.64 15.04 3.69
C PHE B 31 -29.34 15.07 5.08
N TYR B 32 -30.35 14.22 5.29
CA TYR B 32 -31.08 14.14 6.61
C TYR B 32 -30.25 13.49 7.73
N CYS B 33 -29.25 12.68 7.34
CA CYS B 33 -28.45 11.87 8.29
C CYS B 33 -27.37 12.71 9.00
N GLY B 34 -27.35 12.60 10.34
CA GLY B 34 -26.39 13.33 11.21
C GLY B 34 -24.94 12.92 10.99
N PRO B 35 -24.59 11.63 11.08
CA PRO B 35 -23.22 11.17 10.86
C PRO B 35 -22.69 11.53 9.47
N CYS B 36 -23.60 11.63 8.48
CA CYS B 36 -23.23 12.01 7.12
C CYS B 36 -22.80 13.49 7.12
N TYR B 37 -23.49 14.30 7.92
CA TYR B 37 -23.17 15.73 8.02
C TYR B 37 -21.81 15.89 8.71
N ALA B 38 -21.58 15.06 9.74
CA ALA B 38 -20.36 15.10 10.53
C ALA B 38 -19.17 14.62 9.67
N PHE B 39 -19.42 13.66 8.77
CA PHE B 39 -18.38 13.14 7.87
C PHE B 39 -17.99 14.19 6.83
N ALA B 40 -18.92 15.08 6.48
CA ALA B 40 -18.61 16.07 5.45
C ALA B 40 -18.20 17.44 6.03
N GLU B 41 -18.34 17.66 7.35
CA GLU B 41 -18.09 19.02 7.88
C GLU B 41 -17.40 19.06 9.25
N ARG B 42 -17.84 18.22 10.20
CA ARG B 42 -17.26 18.23 11.57
C ARG B 42 -16.01 17.35 11.61
N ILE B 43 -16.19 16.05 11.33
CA ILE B 43 -15.10 15.06 11.37
C ILE B 43 -14.20 15.27 10.14
N ASN B 44 -14.81 15.62 9.02
CA ASN B 44 -14.08 15.85 7.77
C ASN B 44 -13.39 14.55 7.36
N VAL B 45 -14.18 13.48 7.29
CA VAL B 45 -13.70 12.20 6.82
C VAL B 45 -13.50 12.33 5.32
N ASP B 46 -14.44 13.03 4.67
CA ASP B 46 -14.42 13.25 3.22
C ASP B 46 -13.12 13.91 2.77
N THR B 47 -12.71 14.99 3.45
CA THR B 47 -11.49 15.72 3.08
C THR B 47 -10.25 14.89 3.39
N ALA B 48 -10.28 14.15 4.51
CA ALA B 48 -9.14 13.28 4.84
C ALA B 48 -8.96 12.26 3.71
N ILE B 49 -10.10 11.72 3.24
CA ILE B 49 -10.09 10.73 2.15
C ILE B 49 -9.55 11.37 0.86
N ARG B 50 -10.25 12.40 0.37
CA ARG B 50 -9.90 13.06 -0.89
C ARG B 50 -8.42 13.43 -0.96
N LYS B 51 -7.86 13.90 0.16
CA LYS B 51 -6.48 14.37 0.24
C LYS B 51 -5.49 13.23 -0.10
N ARG B 52 -5.91 11.98 0.05
CA ARG B 52 -5.00 10.84 -0.21
C ARG B 52 -5.36 10.07 -1.48
N LEU B 53 -6.35 10.55 -2.23
CA LEU B 53 -6.72 9.86 -3.46
C LEU B 53 -5.78 10.27 -4.59
N PRO B 54 -5.62 9.43 -5.63
CA PRO B 54 -4.84 9.81 -6.81
C PRO B 54 -5.68 10.76 -7.69
N ASP B 55 -5.01 11.53 -8.56
CA ASP B 55 -5.71 12.49 -9.43
C ASP B 55 -6.73 11.76 -10.33
N ASP B 56 -6.45 10.48 -10.63
N ASP B 56 -6.46 10.49 -10.63
CA ASP B 56 -7.32 9.67 -11.47
CA ASP B 56 -7.34 9.68 -11.48
C ASP B 56 -8.34 8.94 -10.60
C ASP B 56 -8.36 8.95 -10.61
N LYS B 58 -11.85 10.06 -7.69
CA LYS B 58 -12.56 10.98 -6.83
C LYS B 58 -13.51 10.21 -5.93
N LEU B 59 -13.79 10.81 -4.77
CA LEU B 59 -14.77 10.29 -3.87
C LEU B 59 -16.13 10.65 -4.47
N GLU B 60 -16.85 9.64 -4.93
CA GLU B 60 -18.19 9.84 -5.46
C GLU B 60 -19.17 9.75 -4.29
N LYS B 61 -20.12 10.68 -4.26
CA LYS B 61 -21.11 10.68 -3.21
C LYS B 61 -22.47 10.48 -3.86
N TYR B 62 -23.11 9.36 -3.50
CA TYR B 62 -24.40 8.97 -4.01
C TYR B 62 -25.44 9.22 -2.91
N HIS B 63 -26.39 10.09 -3.21
CA HIS B 63 -27.43 10.46 -2.29
C HIS B 63 -28.55 9.39 -2.34
N VAL B 64 -29.03 8.99 -1.16
CA VAL B 64 -30.06 7.95 -0.95
C VAL B 64 -31.45 8.61 -1.04
N SER B 65 -32.19 8.30 -2.12
CA SER B 65 -33.51 8.89 -2.40
C SER B 65 -34.60 8.36 -1.45
N GLN B 66 -34.52 7.06 -1.14
CA GLN B 66 -35.52 6.34 -0.35
C GLN B 66 -35.57 6.81 1.11
N GLY B 68 -36.46 9.65 3.76
CA GLY B 68 -37.16 10.93 4.07
C GLY B 68 -37.95 11.50 2.90
N PRO B 69 -38.96 12.37 3.18
CA PRO B 69 -39.79 12.96 2.14
C PRO B 69 -39.06 13.64 0.97
N LEU B 70 -37.99 14.39 1.27
CA LEU B 70 -37.26 15.16 0.24
C LEU B 70 -36.15 14.34 -0.42
N GLY B 71 -35.98 13.09 0.03
CA GLY B 71 -34.97 12.20 -0.50
C GLY B 71 -34.80 12.32 -2.02
N PRO B 72 -35.87 12.11 -2.83
CA PRO B 72 -35.77 12.20 -4.28
C PRO B 72 -35.37 13.59 -4.82
N ALA B 73 -36.00 14.66 -4.32
CA ALA B 73 -35.66 16.02 -4.80
C ALA B 73 -34.20 16.35 -4.41
N LEU B 74 -33.75 15.85 -3.27
CA LEU B 74 -32.37 16.06 -2.80
C LEU B 74 -31.40 15.32 -3.74
N THR B 75 -31.74 14.07 -4.10
CA THR B 75 -30.91 13.29 -5.03
C THR B 75 -30.75 14.08 -6.33
N GLU B 76 -31.89 14.57 -6.85
CA GLU B 76 -31.96 15.36 -8.07
C GLU B 76 -31.10 16.63 -7.94
N ALA B 77 -31.19 17.26 -6.76
CA ALA B 77 -30.46 18.49 -6.48
C ALA B 77 -28.95 18.22 -6.45
N TRP B 78 -28.58 17.02 -5.99
CA TRP B 78 -27.19 16.64 -5.86
C TRP B 78 -26.60 16.38 -7.25
N ALA B 79 -27.45 15.89 -8.17
CA ALA B 79 -27.04 15.65 -9.56
C ALA B 79 -26.87 16.98 -10.30
N VAL B 80 -27.88 17.85 -10.16
CA VAL B 80 -27.86 19.19 -10.76
C VAL B 80 -26.59 19.94 -10.30
N ALA B 81 -26.30 19.85 -8.99
CA ALA B 81 -25.17 20.50 -8.31
C ALA B 81 -23.82 20.21 -8.99
N GLN B 82 -23.57 18.92 -9.23
CA GLN B 82 -22.32 18.50 -9.83
C GLN B 82 -22.28 18.93 -11.31
N TYR B 83 -23.44 18.89 -11.97
CA TYR B 83 -23.53 19.31 -13.38
C TYR B 83 -23.18 20.80 -13.53
N ALA B 84 -23.61 21.60 -12.54
CA ALA B 84 -23.42 23.05 -12.50
C ALA B 84 -22.09 23.45 -11.87
N GLY B 85 -21.37 22.47 -11.29
CA GLY B 85 -20.07 22.73 -10.66
C GLY B 85 -20.18 23.51 -9.36
N VAL B 86 -21.31 23.35 -8.65
CA VAL B 86 -21.54 24.06 -7.40
C VAL B 86 -21.79 23.07 -6.26
N ASP B 87 -21.36 21.82 -6.43
CA ASP B 87 -21.58 20.79 -5.39
C ASP B 87 -20.66 21.05 -4.19
N GLY B 88 -19.53 21.72 -4.43
CA GLY B 88 -18.58 22.02 -3.36
C GLY B 88 -19.12 23.03 -2.36
N LYS B 89 -20.05 23.89 -2.82
CA LYS B 89 -20.63 24.93 -1.97
C LYS B 89 -22.01 24.50 -1.43
N VAL B 90 -22.84 23.93 -2.30
CA VAL B 90 -24.22 23.60 -1.94
C VAL B 90 -24.29 22.42 -0.95
N GLU B 91 -23.27 21.56 -0.89
CA GLU B 91 -23.39 20.38 0.00
C GLU B 91 -23.73 20.82 1.44
N LYS B 92 -22.88 21.66 2.03
CA LYS B 92 -23.06 22.10 3.42
C LYS B 92 -24.38 22.89 3.55
N LEU B 93 -24.73 23.66 2.52
CA LEU B 93 -25.93 24.50 2.51
C LEU B 93 -27.18 23.62 2.58
N LEU B 94 -27.11 22.41 2.01
CA LEU B 94 -28.26 21.50 2.06
C LEU B 94 -28.33 20.84 3.44
N PHE B 95 -27.17 20.44 3.99
CA PHE B 95 -27.12 19.85 5.33
C PHE B 95 -27.66 20.82 6.40
N GLU B 96 -27.16 22.06 6.39
CA GLU B 96 -27.62 23.08 7.34
C GLU B 96 -29.12 23.30 7.20
N GLY B 97 -29.58 23.36 5.95
CA GLY B 97 -30.98 23.59 5.64
C GLY B 97 -31.90 22.56 6.29
N LEU B 98 -31.39 21.34 6.45
CA LEU B 98 -32.16 20.24 7.01
C LEU B 98 -31.87 20.00 8.50
N GLN B 99 -30.59 20.09 8.89
CA GLN B 99 -30.19 19.70 10.24
C GLN B 99 -29.76 20.88 11.14
N VAL B 100 -29.81 22.11 10.63
CA VAL B 100 -29.44 23.25 11.47
C VAL B 100 -30.64 24.21 11.53
N LYS B 101 -31.12 24.63 10.36
CA LYS B 101 -32.23 25.58 10.26
C LYS B 101 -33.57 24.86 10.09
N ARG B 102 -33.52 23.71 9.43
CA ARG B 102 -34.70 22.91 9.04
C ARG B 102 -35.70 23.83 8.30
N ASP B 103 -35.17 24.72 7.44
CA ASP B 103 -36.00 25.60 6.63
C ASP B 103 -36.29 24.93 5.27
N ILE B 104 -35.60 23.80 5.00
CA ILE B 104 -35.86 23.05 3.77
C ILE B 104 -36.93 22.01 4.12
N LYS B 105 -38.17 22.29 3.70
CA LYS B 105 -39.30 21.43 4.02
C LYS B 105 -40.02 21.01 2.74
N THR B 106 -39.71 21.69 1.64
CA THR B 106 -40.35 21.42 0.36
C THR B 106 -39.31 21.34 -0.76
N ALA B 107 -39.74 20.79 -1.90
CA ALA B 107 -38.90 20.69 -3.08
C ALA B 107 -38.47 22.10 -3.50
N ALA B 108 -39.43 23.03 -3.46
CA ALA B 108 -39.20 24.42 -3.85
C ALA B 108 -38.16 25.10 -2.96
N ASP B 109 -38.06 24.69 -1.69
CA ASP B 109 -37.12 25.31 -0.73
C ASP B 109 -35.69 24.89 -1.04
N ILE B 110 -35.53 23.76 -1.75
CA ILE B 110 -34.21 23.31 -2.16
C ILE B 110 -33.72 24.26 -3.25
N VAL B 111 -34.63 24.56 -4.20
CA VAL B 111 -34.36 25.46 -5.33
C VAL B 111 -33.87 26.82 -4.79
N LYS B 112 -34.41 27.25 -3.64
CA LYS B 112 -34.04 28.54 -3.03
C LYS B 112 -32.53 28.56 -2.77
N VAL B 113 -31.98 27.41 -2.37
CA VAL B 113 -30.55 27.29 -2.09
C VAL B 113 -29.78 27.61 -3.37
N PHE B 114 -30.23 27.05 -4.50
CA PHE B 114 -29.60 27.28 -5.81
C PHE B 114 -29.84 28.74 -6.25
N ASN B 115 -30.83 29.40 -5.66
CA ASN B 115 -31.07 30.82 -6.00
C ASN B 115 -29.97 31.69 -5.38
N GLN B 116 -29.58 31.34 -4.15
CA GLN B 116 -28.56 32.06 -3.37
C GLN B 116 -27.20 32.04 -4.07
N LEU B 117 -26.92 30.95 -4.80
CA LEU B 117 -25.66 30.77 -5.52
C LEU B 117 -25.68 31.55 -6.84
N GLY B 118 -26.89 31.90 -7.30
CA GLY B 118 -27.08 32.67 -8.54
C GLY B 118 -27.77 31.85 -9.63
N ILE B 119 -28.27 30.67 -9.27
CA ILE B 119 -28.96 29.79 -10.21
C ILE B 119 -30.46 30.10 -10.17
N THR B 120 -30.93 30.84 -11.18
CA THR B 120 -32.34 31.22 -11.28
C THR B 120 -33.20 29.95 -11.30
N SER B 121 -34.47 30.08 -10.90
CA SER B 121 -35.41 28.96 -10.93
C SER B 121 -35.50 28.40 -12.36
N GLU B 122 -35.63 29.31 -13.32
CA GLU B 122 -35.70 29.00 -14.75
C GLU B 122 -34.59 28.01 -15.14
N LYS B 123 -33.35 28.34 -14.76
CA LYS B 123 -32.18 27.55 -15.07
C LYS B 123 -32.23 26.21 -14.32
N TYR B 124 -32.77 26.23 -13.09
CA TYR B 124 -32.83 25.02 -12.29
C TYR B 124 -33.79 24.02 -12.93
N ALA B 125 -34.91 24.53 -13.47
CA ALA B 125 -35.93 23.69 -14.10
C ALA B 125 -35.35 23.01 -15.36
N GLU B 126 -34.55 23.76 -16.12
N GLU B 126 -34.54 23.75 -16.13
CA GLU B 126 -33.94 23.25 -17.34
CA GLU B 126 -33.98 23.17 -17.36
C GLU B 126 -32.92 22.16 -16.98
C GLU B 126 -32.93 22.12 -16.97
N GLN B 128 -32.90 20.30 -14.40
CA GLN B 128 -33.64 19.13 -13.91
C GLN B 128 -33.94 18.15 -15.06
N SER B 129 -34.19 18.67 -16.26
CA SER B 129 -34.53 17.84 -17.43
C SER B 129 -33.28 17.46 -18.25
N ASN B 130 -32.11 17.96 -17.86
CA ASN B 130 -30.88 17.64 -18.61
C ASN B 130 -30.66 16.12 -18.65
N PHE B 131 -30.26 15.61 -19.81
CA PHE B 131 -30.09 14.14 -20.00
C PHE B 131 -29.02 13.59 -19.05
N VAL B 133 -28.15 14.85 -16.08
CA VAL B 133 -28.67 14.92 -14.71
C VAL B 133 -29.64 13.77 -14.48
N LYS B 134 -30.45 13.45 -15.50
CA LYS B 134 -31.42 12.36 -15.45
C LYS B 134 -30.69 11.03 -15.23
N ALA B 135 -29.54 10.88 -15.88
CA ALA B 135 -28.75 9.67 -15.82
C ALA B 135 -28.08 9.52 -14.45
N LEU B 136 -27.56 10.63 -13.90
CA LEU B 136 -26.85 10.57 -12.61
C LEU B 136 -27.82 10.23 -11.49
N ILE B 137 -29.10 10.58 -11.67
CA ILE B 137 -30.15 10.26 -10.67
C ILE B 137 -30.41 8.76 -10.70
N ALA B 138 -30.74 8.25 -11.90
CA ALA B 138 -30.99 6.85 -12.08
C ALA B 138 -29.79 6.06 -11.53
N ARG B 139 -28.57 6.55 -11.84
CA ARG B 139 -27.32 5.93 -11.35
C ARG B 139 -27.38 5.81 -9.81
N GLN B 140 -27.46 6.97 -9.13
CA GLN B 140 -27.52 7.00 -7.66
C GLN B 140 -28.55 6.00 -7.13
N ASP B 141 -29.79 6.06 -7.63
CA ASP B 141 -30.88 5.20 -7.19
C ASP B 141 -30.60 3.73 -7.53
N ASN B 142 -30.01 3.48 -8.70
CA ASN B 142 -29.75 2.11 -9.15
C ASN B 142 -28.77 1.39 -8.22
N LEU B 143 -27.67 2.05 -7.87
CA LEU B 143 -26.66 1.41 -7.02
C LEU B 143 -27.15 1.26 -5.57
N VAL B 144 -28.01 2.18 -5.09
CA VAL B 144 -28.50 2.01 -3.72
C VAL B 144 -29.12 0.59 -3.63
N GLU B 145 -29.87 0.22 -4.67
CA GLU B 145 -30.55 -1.07 -4.75
C GLU B 145 -29.52 -2.19 -5.00
N LYS B 146 -28.73 -2.07 -6.07
CA LYS B 146 -27.75 -3.11 -6.49
C LYS B 146 -26.76 -3.45 -5.36
N LYS B 148 -27.15 -3.06 -2.32
CA LYS B 148 -27.92 -3.42 -1.11
C LYS B 148 -27.50 -2.55 0.08
N VAL B 149 -27.39 -1.23 -0.14
CA VAL B 149 -27.00 -0.30 0.91
C VAL B 149 -28.07 -0.35 2.01
N HIS B 150 -27.64 -0.41 3.28
CA HIS B 150 -28.58 -0.52 4.41
C HIS B 150 -28.33 0.55 5.48
N GLY B 151 -27.35 1.44 5.24
CA GLY B 151 -27.05 2.50 6.20
C GLY B 151 -26.24 3.63 5.59
N THR B 152 -26.23 4.78 6.28
CA THR B 152 -25.46 5.94 5.86
C THR B 152 -24.72 6.49 7.08
N PRO B 153 -23.49 7.00 6.88
CA PRO B 153 -22.83 7.00 5.58
C PRO B 153 -22.17 5.65 5.33
N SER B 154 -22.28 5.12 4.11
CA SER B 154 -21.66 3.84 3.79
C SER B 154 -20.66 4.00 2.65
N PHE B 155 -19.45 3.46 2.87
CA PHE B 155 -18.37 3.54 1.91
C PHE B 155 -18.12 2.18 1.25
N TYR B 156 -18.10 2.18 -0.08
CA TYR B 156 -17.82 0.98 -0.87
C TYR B 156 -16.64 1.32 -1.79
N VAL B 157 -15.62 0.46 -1.74
CA VAL B 157 -14.40 0.61 -2.51
C VAL B 157 -14.35 -0.49 -3.58
N SER B 158 -14.19 -0.10 -4.85
CA SER B 158 -14.09 -1.01 -6.02
C SER B 158 -15.34 -1.88 -6.16
N GLY B 159 -16.37 -1.57 -5.35
CA GLY B 159 -17.58 -2.36 -5.37
C GLY B 159 -17.33 -3.77 -4.87
N LYS B 160 -16.30 -3.92 -4.03
CA LYS B 160 -15.88 -5.23 -3.48
C LYS B 160 -15.78 -5.18 -1.96
N TYR B 161 -15.64 -3.98 -1.37
CA TYR B 161 -15.44 -3.89 0.07
C TYR B 161 -16.34 -2.81 0.69
N HIS B 162 -17.07 -3.20 1.75
CA HIS B 162 -17.91 -2.29 2.52
C HIS B 162 -17.22 -2.03 3.87
N ILE B 163 -16.92 -0.75 4.12
CA ILE B 163 -16.23 -0.34 5.32
C ILE B 163 -17.20 -0.38 6.52
N ASN B 164 -16.65 -0.85 7.64
CA ASN B 164 -17.34 -0.89 8.91
C ASN B 164 -16.82 0.33 9.68
N ASN B 165 -17.58 1.43 9.60
CA ASN B 165 -17.23 2.73 10.16
C ASN B 165 -16.82 2.66 11.64
N ALA B 166 -17.52 1.83 12.42
CA ALA B 166 -17.30 1.77 13.87
C ALA B 166 -16.03 0.98 14.27
N SER B 167 -15.27 0.47 13.31
CA SER B 167 -14.10 -0.38 13.66
C SER B 167 -12.80 0.43 13.87
N LEU B 168 -12.76 1.67 13.37
CA LEU B 168 -11.51 2.45 13.40
C LEU B 168 -11.31 3.27 14.69
N ALA B 169 -10.06 3.76 14.83
CA ALA B 169 -9.56 4.56 15.95
C ALA B 169 -10.61 5.56 16.42
N GLN B 170 -10.97 5.48 17.71
CA GLN B 170 -11.99 6.35 18.32
C GLN B 170 -11.36 7.44 19.19
N ASP B 171 -10.02 7.43 19.32
CA ASP B 171 -9.28 8.42 20.14
C ASP B 171 -9.84 9.85 20.06
N ASP B 172 -9.68 10.48 18.89
CA ASP B 172 -10.35 11.74 18.60
C ASP B 172 -10.76 11.71 17.13
N TYR B 173 -11.44 12.76 16.67
CA TYR B 173 -12.00 12.77 15.31
C TYR B 173 -10.91 12.91 14.24
N ASP B 174 -9.79 13.57 14.58
CA ASP B 174 -8.71 13.79 13.63
C ASP B 174 -8.05 12.44 13.30
N THR B 175 -7.84 11.61 14.32
CA THR B 175 -7.22 10.29 14.19
C THR B 175 -8.18 9.35 13.42
N TYR B 176 -9.49 9.49 13.72
CA TYR B 176 -10.50 8.67 13.08
C TYR B 176 -10.53 8.94 11.57
N ALA B 177 -10.57 10.22 11.19
CA ALA B 177 -10.62 10.62 9.79
C ALA B 177 -9.40 10.10 9.03
N GLU B 178 -8.22 10.17 9.67
CA GLU B 178 -6.95 9.71 9.07
C GLU B 178 -6.93 8.17 8.94
N ASP B 179 -7.53 7.47 9.91
CA ASP B 179 -7.57 6.00 9.94
C ASP B 179 -8.57 5.50 8.89
N ALA B 181 -9.23 7.32 6.09
CA ALA B 181 -8.57 7.64 4.84
C ALA B 181 -7.51 6.57 4.54
N ASN B 182 -6.87 6.04 5.59
CA ASN B 182 -5.82 5.02 5.47
C ASN B 182 -6.43 3.65 5.12
N LEU B 183 -7.67 3.39 5.57
CA LEU B 183 -8.37 2.14 5.26
C LEU B 183 -8.84 2.17 3.80
N VAL B 184 -9.33 3.34 3.37
CA VAL B 184 -9.80 3.54 2.01
C VAL B 184 -8.62 3.30 1.05
N LEU B 185 -7.44 3.85 1.39
CA LEU B 185 -6.24 3.69 0.55
C LEU B 185 -5.81 2.22 0.48
N PHE B 186 -5.91 1.54 1.62
CA PHE B 186 -5.51 0.14 1.79
C PHE B 186 -6.38 -0.76 0.89
N LEU B 187 -7.70 -0.48 0.87
CA LEU B 187 -8.65 -1.25 0.09
C LEU B 187 -8.55 -0.89 -1.40
N LEU B 188 -8.12 0.35 -1.70
CA LEU B 188 -7.94 0.81 -3.09
C LEU B 188 -6.69 0.19 -3.73
N ASN B 189 -5.68 -0.05 -2.90
CA ASN B 189 -4.40 -0.62 -3.33
C ASN B 189 -4.47 -2.15 -3.41
N LYS B 190 -5.67 -2.72 -3.21
CA LYS B 190 -5.82 -4.19 -3.29
C LYS B 190 -5.72 -4.65 -4.74
N PRO B 191 -5.37 -5.94 -4.99
CA PRO B 191 -5.28 -6.47 -6.35
C PRO B 191 -6.62 -6.38 -7.10
N LEU B 192 -6.53 -6.30 -8.43
CA LEU B 192 -7.71 -6.23 -9.31
C LEU B 192 -8.47 -7.57 -9.27
N ALA C 3 -11.94 -10.19 -17.93
CA ALA C 3 -10.51 -9.79 -18.15
C ALA C 3 -10.22 -8.49 -17.38
N LYS C 4 -9.13 -8.51 -16.61
CA LYS C 4 -8.72 -7.37 -15.80
C LYS C 4 -7.79 -6.45 -16.61
N ASP C 5 -7.89 -5.15 -16.33
CA ASP C 5 -7.08 -4.13 -16.98
C ASP C 5 -5.87 -3.87 -16.08
N TYR C 6 -4.83 -4.69 -16.24
CA TYR C 6 -3.60 -4.57 -15.46
C TYR C 6 -2.98 -3.20 -15.75
N GLN C 7 -2.26 -2.67 -14.75
CA GLN C 7 -1.74 -1.33 -14.82
C GLN C 7 -0.22 -1.27 -14.68
N ALA C 8 0.38 -0.42 -15.52
CA ALA C 8 1.77 -0.11 -15.42
C ALA C 8 1.99 0.46 -14.02
N GLY C 9 3.18 0.22 -13.46
CA GLY C 9 3.51 0.66 -12.10
C GLY C 9 3.03 -0.35 -11.08
N LYS C 10 1.70 -0.58 -11.05
CA LYS C 10 1.08 -1.51 -10.10
C LYS C 10 1.50 -2.96 -10.39
N ASN C 11 1.09 -3.46 -11.57
CA ASN C 11 1.24 -4.85 -11.97
C ASN C 11 2.56 -5.12 -12.70
N PHE C 12 3.07 -4.13 -13.43
CA PHE C 12 4.29 -4.31 -14.17
C PHE C 12 4.97 -2.95 -14.35
N THR C 13 6.25 -2.99 -14.73
CA THR C 13 7.03 -1.81 -15.00
C THR C 13 7.65 -1.96 -16.39
N VAL C 14 7.49 -0.93 -17.22
CA VAL C 14 8.07 -0.93 -18.54
C VAL C 14 9.55 -0.57 -18.39
N ILE C 15 10.43 -1.56 -18.57
CA ILE C 15 11.88 -1.38 -18.45
C ILE C 15 12.46 -0.97 -19.81
N HIS C 16 13.79 -0.90 -19.87
CA HIS C 16 14.51 -0.55 -21.08
C HIS C 16 15.80 -1.37 -21.16
N SER C 17 15.85 -2.30 -22.10
CA SER C 17 17.02 -3.15 -22.32
C SER C 17 17.56 -2.92 -23.74
N THR C 18 18.83 -3.27 -23.95
CA THR C 18 19.52 -3.12 -25.23
C THR C 18 19.51 -4.45 -26.00
N VAL C 19 18.84 -5.47 -25.45
CA VAL C 19 18.75 -6.79 -26.08
C VAL C 19 17.93 -6.68 -27.38
N LYS C 20 18.54 -7.10 -28.49
CA LYS C 20 17.91 -7.04 -29.81
C LYS C 20 16.85 -8.14 -29.94
N GLN C 21 17.20 -9.36 -29.54
CA GLN C 21 16.28 -10.49 -29.63
C GLN C 21 16.06 -11.10 -28.25
N PRO C 22 15.14 -10.53 -27.44
CA PRO C 22 14.86 -11.03 -26.11
C PRO C 22 13.88 -12.20 -26.13
N PRO C 23 13.85 -13.06 -25.09
CA PRO C 23 12.87 -14.14 -25.03
C PRO C 23 11.48 -13.53 -24.97
N PRO C 24 10.50 -14.02 -25.77
CA PRO C 24 9.14 -13.47 -25.71
C PRO C 24 8.59 -13.53 -24.26
N LEU C 25 8.98 -14.60 -23.55
CA LEU C 25 8.54 -14.84 -22.17
C LEU C 25 9.63 -15.64 -21.44
N VAL C 26 10.16 -15.03 -20.38
CA VAL C 26 11.22 -15.65 -19.60
C VAL C 26 11.00 -15.40 -18.10
N GLU C 27 11.42 -16.40 -17.32
CA GLU C 27 11.42 -16.38 -15.89
C GLU C 27 12.86 -16.61 -15.43
N PHE C 28 13.39 -15.63 -14.68
CA PHE C 28 14.72 -15.77 -14.10
C PHE C 28 14.53 -16.38 -12.70
N PHE C 29 15.27 -17.46 -12.44
CA PHE C 29 15.12 -18.18 -11.20
C PHE C 29 16.46 -18.78 -10.74
N SER C 30 16.46 -19.23 -9.48
CA SER C 30 17.60 -19.88 -8.84
C SER C 30 17.06 -21.10 -8.08
N PHE C 31 17.83 -22.19 -8.12
CA PHE C 31 17.40 -23.37 -7.41
C PHE C 31 17.59 -23.17 -5.91
N TYR C 32 18.37 -22.16 -5.52
CA TYR C 32 18.58 -21.86 -4.10
C TYR C 32 17.40 -21.07 -3.53
N CYS C 33 16.56 -20.52 -4.41
CA CYS C 33 15.46 -19.62 -4.05
C CYS C 33 14.15 -20.36 -3.76
N GLY C 34 13.61 -20.13 -2.56
CA GLY C 34 12.36 -20.75 -2.10
C GLY C 34 11.17 -20.39 -2.97
N PRO C 35 10.88 -19.08 -3.19
CA PRO C 35 9.77 -18.68 -4.04
C PRO C 35 9.89 -19.26 -5.46
N CYS C 36 11.12 -19.53 -5.91
CA CYS C 36 11.32 -20.12 -7.21
C CYS C 36 10.78 -21.55 -7.23
N TYR C 37 11.08 -22.31 -6.16
CA TYR C 37 10.62 -23.71 -6.00
C TYR C 37 9.09 -23.70 -5.92
N ALA C 38 8.56 -22.76 -5.14
CA ALA C 38 7.13 -22.58 -4.93
C ALA C 38 6.42 -22.34 -6.27
N PHE C 39 7.08 -21.59 -7.16
CA PHE C 39 6.54 -21.26 -8.47
C PHE C 39 6.46 -22.51 -9.34
N ALA C 40 7.42 -23.43 -9.17
CA ALA C 40 7.50 -24.63 -10.00
C ALA C 40 6.71 -25.80 -9.40
N GLU C 41 6.59 -25.88 -8.07
CA GLU C 41 6.03 -27.12 -7.48
C GLU C 41 4.85 -26.92 -6.52
N ARG C 42 4.75 -25.79 -5.83
CA ARG C 42 3.68 -25.60 -4.81
C ARG C 42 2.51 -24.78 -5.39
N ILE C 43 2.78 -23.52 -5.73
CA ILE C 43 1.79 -22.61 -6.28
C ILE C 43 1.49 -23.02 -7.74
N ASN C 44 2.50 -23.62 -8.38
CA ASN C 44 2.36 -24.09 -9.76
C ASN C 44 2.01 -22.92 -10.69
N VAL C 45 2.77 -21.83 -10.53
CA VAL C 45 2.63 -20.64 -11.35
C VAL C 45 3.07 -21.00 -12.77
N ASP C 46 4.20 -21.71 -12.86
CA ASP C 46 4.76 -22.14 -14.17
C ASP C 46 3.68 -22.88 -14.98
N THR C 47 3.02 -23.89 -14.38
CA THR C 47 1.99 -24.68 -15.06
C THR C 47 0.81 -23.78 -15.49
N ALA C 48 0.36 -22.92 -14.58
CA ALA C 48 -0.78 -22.02 -14.89
C ALA C 48 -0.51 -21.23 -16.17
N ILE C 49 0.71 -20.74 -16.36
CA ILE C 49 1.07 -19.95 -17.53
C ILE C 49 1.16 -20.84 -18.79
N ARG C 50 2.05 -21.85 -18.73
CA ARG C 50 2.31 -22.74 -19.89
C ARG C 50 1.01 -23.18 -20.56
N LYS C 51 0.03 -23.53 -19.71
CA LYS C 51 -1.26 -24.02 -20.15
C LYS C 51 -2.00 -22.97 -20.99
N ARG C 52 -1.66 -21.70 -20.78
CA ARG C 52 -2.33 -20.58 -21.47
C ARG C 52 -1.57 -20.07 -22.69
N LEU C 53 -0.29 -20.46 -22.81
CA LEU C 53 0.55 -19.96 -23.90
C LEU C 53 0.18 -20.62 -25.22
N PRO C 54 0.16 -19.86 -26.34
CA PRO C 54 -0.04 -20.43 -27.66
C PRO C 54 1.06 -21.47 -27.94
N ASP C 55 0.79 -22.36 -28.91
CA ASP C 55 1.70 -23.44 -29.26
C ASP C 55 3.04 -22.90 -29.76
N ASP C 56 3.08 -21.65 -30.25
CA ASP C 56 4.32 -21.02 -30.75
C ASP C 56 4.98 -20.14 -29.69
N LYS C 58 6.70 -20.06 -25.63
CA LYS C 58 7.36 -20.95 -24.68
C LYS C 58 7.72 -20.15 -23.43
N LEU C 59 7.60 -20.79 -22.27
CA LEU C 59 8.01 -20.19 -21.01
C LEU C 59 9.46 -20.62 -20.74
N GLU C 60 10.40 -19.82 -21.24
CA GLU C 60 11.82 -20.05 -21.04
C GLU C 60 12.17 -19.74 -19.57
N LYS C 61 13.11 -20.51 -19.02
CA LYS C 61 13.54 -20.28 -17.65
C LYS C 61 15.07 -20.22 -17.60
N TYR C 62 15.57 -19.00 -17.39
CA TYR C 62 17.00 -18.74 -17.30
C TYR C 62 17.41 -18.80 -15.83
N HIS C 63 18.42 -19.61 -15.53
CA HIS C 63 18.96 -19.76 -14.21
C HIS C 63 19.94 -18.60 -13.96
N VAL C 64 20.12 -18.26 -12.68
CA VAL C 64 21.00 -17.15 -12.27
C VAL C 64 22.25 -17.74 -11.59
N SER C 65 23.37 -17.73 -12.33
CA SER C 65 24.65 -18.32 -11.89
C SER C 65 25.34 -17.50 -10.78
N GLN C 66 25.07 -16.21 -10.69
CA GLN C 66 25.78 -15.38 -9.68
C GLN C 66 25.21 -15.60 -8.27
N GLY C 68 24.85 -17.89 -5.18
CA GLY C 68 25.31 -19.04 -4.38
C GLY C 68 26.52 -19.77 -4.98
N PRO C 69 27.23 -20.57 -4.17
CA PRO C 69 28.44 -21.27 -4.63
C PRO C 69 28.23 -22.22 -5.83
N LEU C 70 27.06 -22.86 -5.94
CA LEU C 70 26.79 -23.85 -7.02
C LEU C 70 26.01 -23.24 -8.20
N GLY C 71 25.81 -21.92 -8.18
CA GLY C 71 25.05 -21.23 -9.22
C GLY C 71 25.54 -21.53 -10.63
N PRO C 72 26.83 -21.27 -10.94
CA PRO C 72 27.36 -21.57 -12.28
C PRO C 72 27.18 -23.06 -12.67
N ALA C 73 27.36 -23.97 -11.69
CA ALA C 73 27.23 -25.43 -11.92
C ALA C 73 25.76 -25.80 -12.18
N LEU C 74 24.84 -25.08 -11.54
CA LEU C 74 23.41 -25.30 -11.69
C LEU C 74 22.93 -24.75 -13.03
N THR C 75 23.46 -23.58 -13.45
CA THR C 75 23.09 -23.02 -14.72
C THR C 75 23.53 -24.00 -15.83
N GLU C 76 24.74 -24.54 -15.67
CA GLU C 76 25.25 -25.53 -16.61
C GLU C 76 24.29 -26.72 -16.64
N ALA C 77 23.92 -27.22 -15.45
CA ALA C 77 23.06 -28.39 -15.29
C ALA C 77 21.66 -28.14 -15.87
N TRP C 78 21.21 -26.87 -15.88
CA TRP C 78 19.88 -26.58 -16.43
C TRP C 78 19.95 -26.60 -17.97
N ALA C 79 21.01 -26.00 -18.51
CA ALA C 79 21.24 -25.95 -19.96
C ALA C 79 21.31 -27.38 -20.51
N VAL C 80 22.06 -28.23 -19.79
CA VAL C 80 22.21 -29.63 -20.16
C VAL C 80 20.83 -30.27 -20.22
N ALA C 81 20.10 -30.16 -19.09
CA ALA C 81 18.76 -30.76 -18.90
C ALA C 81 17.88 -30.62 -20.15
N GLN C 82 17.68 -29.37 -20.58
CA GLN C 82 16.81 -29.08 -21.72
C GLN C 82 17.31 -29.80 -22.97
N TYR C 83 18.61 -29.72 -23.22
CA TYR C 83 19.25 -30.37 -24.38
C TYR C 83 18.96 -31.88 -24.35
N ALA C 84 18.93 -32.45 -23.15
CA ALA C 84 18.71 -33.87 -22.92
C ALA C 84 17.21 -34.21 -22.79
N GLY C 85 16.36 -33.17 -22.79
CA GLY C 85 14.92 -33.38 -22.64
C GLY C 85 14.57 -34.03 -21.31
N VAL C 86 15.29 -33.66 -20.25
CA VAL C 86 15.07 -34.19 -18.90
C VAL C 86 14.72 -33.06 -17.93
N ASP C 87 14.60 -31.82 -18.46
CA ASP C 87 14.31 -30.66 -17.60
C ASP C 87 12.98 -30.88 -16.88
N GLY C 88 12.01 -31.49 -17.58
CA GLY C 88 10.68 -31.78 -17.04
C GLY C 88 10.70 -32.70 -15.83
N LYS C 89 11.79 -33.46 -15.64
CA LYS C 89 11.89 -34.38 -14.49
C LYS C 89 12.91 -33.88 -13.45
N VAL C 90 14.01 -33.26 -13.89
CA VAL C 90 15.12 -32.91 -12.97
C VAL C 90 14.87 -31.59 -12.21
N GLU C 91 14.02 -30.71 -12.72
CA GLU C 91 13.80 -29.41 -12.05
C GLU C 91 13.52 -29.63 -10.55
N LYS C 92 12.57 -30.51 -10.22
CA LYS C 92 12.20 -30.75 -8.81
C LYS C 92 13.35 -31.41 -8.06
N LEU C 93 14.04 -32.35 -8.71
CA LEU C 93 15.12 -33.07 -8.02
C LEU C 93 16.20 -32.07 -7.58
N LEU C 94 16.43 -31.03 -8.39
CA LEU C 94 17.46 -30.03 -8.06
C LEU C 94 16.94 -29.11 -6.94
N PHE C 95 15.70 -28.64 -7.07
CA PHE C 95 15.13 -27.86 -6.00
C PHE C 95 15.19 -28.68 -4.70
N GLU C 96 14.77 -29.96 -4.78
CA GLU C 96 14.75 -30.82 -3.57
C GLU C 96 16.16 -31.04 -3.04
N GLY C 97 17.13 -31.21 -3.95
CA GLY C 97 18.50 -31.46 -3.52
C GLY C 97 19.04 -30.37 -2.63
N LEU C 98 18.74 -29.11 -2.96
CA LEU C 98 19.25 -27.95 -2.21
C LEU C 98 18.35 -27.58 -1.02
N GLN C 99 17.04 -27.46 -1.28
CA GLN C 99 16.12 -26.88 -0.30
C GLN C 99 15.33 -27.86 0.55
N VAL C 100 15.42 -29.16 0.28
CA VAL C 100 14.68 -30.14 1.09
C VAL C 100 15.68 -31.06 1.80
N LYS C 101 16.54 -31.73 1.03
CA LYS C 101 17.51 -32.66 1.59
C LYS C 101 18.83 -31.95 1.91
N ARG C 102 19.13 -30.91 1.12
CA ARG C 102 20.40 -30.18 1.17
C ARG C 102 21.53 -31.22 1.07
N ASP C 103 21.38 -32.16 0.13
CA ASP C 103 22.38 -33.18 -0.12
C ASP C 103 23.19 -32.77 -1.37
N ILE C 104 22.80 -31.67 -2.01
CA ILE C 104 23.60 -31.14 -3.13
C ILE C 104 24.50 -30.05 -2.55
N LYS C 105 25.79 -30.37 -2.41
CA LYS C 105 26.77 -29.46 -1.81
C LYS C 105 27.94 -29.20 -2.76
N THR C 106 28.09 -30.05 -3.79
CA THR C 106 29.17 -29.90 -4.75
C THR C 106 28.63 -30.10 -6.16
N ALA C 107 29.47 -29.79 -7.16
CA ALA C 107 29.10 -30.00 -8.55
C ALA C 107 28.85 -31.50 -8.78
N ALA C 108 29.68 -32.34 -8.14
CA ALA C 108 29.60 -33.81 -8.30
C ALA C 108 28.21 -34.32 -7.91
N ASP C 109 27.66 -33.81 -6.81
CA ASP C 109 26.34 -34.17 -6.33
C ASP C 109 25.31 -33.81 -7.41
N ILE C 110 25.51 -32.68 -8.09
CA ILE C 110 24.62 -32.25 -9.18
C ILE C 110 24.52 -33.36 -10.24
N VAL C 111 25.68 -33.91 -10.64
CA VAL C 111 25.73 -34.96 -11.65
C VAL C 111 24.95 -36.19 -11.15
N LYS C 112 25.13 -36.54 -9.88
CA LYS C 112 24.48 -37.72 -9.28
C LYS C 112 22.97 -37.72 -9.58
N VAL C 113 22.36 -36.53 -9.59
CA VAL C 113 20.95 -36.36 -9.89
C VAL C 113 20.68 -36.84 -11.32
N PHE C 114 21.59 -36.51 -12.23
CA PHE C 114 21.47 -36.91 -13.65
C PHE C 114 21.70 -38.43 -13.75
N ASN C 115 22.62 -38.96 -12.94
CA ASN C 115 22.92 -40.42 -12.90
C ASN C 115 21.64 -41.22 -12.59
N GLN C 116 20.69 -40.57 -11.89
CA GLN C 116 19.43 -41.17 -11.48
C GLN C 116 18.44 -41.21 -12.65
N LEU C 117 18.58 -40.25 -13.57
CA LEU C 117 17.68 -40.14 -14.72
C LEU C 117 18.21 -40.93 -15.92
N GLY C 118 19.21 -41.79 -15.67
CA GLY C 118 19.79 -42.63 -16.73
C GLY C 118 21.01 -42.03 -17.41
N ILE C 119 21.27 -40.74 -17.15
CA ILE C 119 22.41 -40.06 -17.73
C ILE C 119 23.67 -40.43 -16.93
N THR C 120 24.61 -41.11 -17.60
CA THR C 120 25.86 -41.48 -16.98
C THR C 120 26.70 -40.21 -16.77
N SER C 121 27.73 -40.32 -15.94
CA SER C 121 28.61 -39.20 -15.69
C SER C 121 29.40 -38.86 -16.96
N GLU C 122 29.74 -39.88 -17.77
CA GLU C 122 30.46 -39.71 -19.03
C GLU C 122 29.64 -38.88 -20.03
N LYS C 123 28.35 -39.21 -20.15
CA LYS C 123 27.45 -38.50 -21.08
C LYS C 123 27.31 -37.04 -20.62
N TYR C 124 27.18 -36.84 -19.30
CA TYR C 124 27.02 -35.52 -18.72
C TYR C 124 28.20 -34.63 -19.14
N ALA C 125 29.42 -35.16 -19.01
CA ALA C 125 30.66 -34.49 -19.37
C ALA C 125 30.63 -34.10 -20.85
N GLU C 126 30.09 -34.99 -21.69
N GLU C 126 30.10 -35.01 -21.67
CA GLU C 126 30.00 -34.76 -23.13
CA GLU C 126 29.97 -34.80 -23.11
C GLU C 126 29.03 -33.60 -23.40
C GLU C 126 29.04 -33.60 -23.38
N GLN C 128 28.15 -31.18 -21.22
CA GLN C 128 28.71 -29.92 -20.71
C GLN C 128 29.50 -29.20 -21.81
N SER C 129 30.33 -29.96 -22.53
N SER C 129 30.32 -29.97 -22.52
CA SER C 129 31.20 -29.41 -23.58
CA SER C 129 31.21 -29.47 -23.58
C SER C 129 30.44 -29.19 -24.89
C SER C 129 30.45 -29.20 -24.88
N ASN C 130 29.16 -29.58 -24.94
CA ASN C 130 28.34 -29.40 -26.17
C ASN C 130 28.21 -27.89 -26.49
N PHE C 131 28.26 -27.56 -27.79
CA PHE C 131 28.21 -26.16 -28.25
C PHE C 131 26.82 -25.54 -28.01
N VAL C 133 24.81 -26.38 -25.45
CA VAL C 133 24.80 -26.21 -24.00
C VAL C 133 25.60 -24.95 -23.64
N LYS C 134 26.75 -24.76 -24.31
N LYS C 134 26.75 -24.80 -24.31
CA LYS C 134 27.61 -23.61 -24.00
CA LYS C 134 27.64 -23.67 -24.14
C LYS C 134 26.95 -22.30 -24.45
C LYS C 134 26.90 -22.35 -24.42
N ALA C 135 26.12 -22.37 -25.50
CA ALA C 135 25.41 -21.21 -25.99
C ALA C 135 24.31 -20.80 -24.99
N LEU C 136 23.52 -21.78 -24.55
CA LEU C 136 22.40 -21.58 -23.62
C LEU C 136 22.91 -21.10 -22.25
N ILE C 137 24.12 -21.55 -21.87
CA ILE C 137 24.70 -21.11 -20.59
C ILE C 137 25.07 -19.62 -20.69
N ALA C 138 25.81 -19.26 -21.76
CA ALA C 138 26.23 -17.88 -21.98
C ALA C 138 25.00 -16.98 -22.14
N ARG C 139 23.98 -17.52 -22.81
CA ARG C 139 22.69 -16.86 -23.07
C ARG C 139 21.99 -16.52 -21.75
N GLN C 140 22.08 -17.41 -20.77
CA GLN C 140 21.44 -17.21 -19.47
C GLN C 140 22.17 -16.10 -18.70
N ASP C 141 23.50 -16.16 -18.65
CA ASP C 141 24.35 -15.22 -17.94
C ASP C 141 24.34 -13.85 -18.64
N ASN C 142 24.11 -13.86 -19.95
CA ASN C 142 24.10 -12.62 -20.73
C ASN C 142 22.87 -11.76 -20.38
N LEU C 143 21.68 -12.37 -20.43
CA LEU C 143 20.44 -11.63 -20.21
C LEU C 143 20.27 -11.24 -18.74
N VAL C 144 20.89 -11.99 -17.83
CA VAL C 144 20.84 -11.63 -16.41
C VAL C 144 21.37 -10.19 -16.30
N GLU C 145 22.56 -9.96 -16.87
CA GLU C 145 23.24 -8.66 -16.88
C GLU C 145 22.50 -7.65 -17.78
N LYS C 146 22.05 -8.08 -18.95
CA LYS C 146 21.41 -7.18 -19.91
C LYS C 146 20.02 -6.72 -19.47
N LYS C 148 19.16 -6.46 -16.27
CA LYS C 148 19.36 -5.96 -14.90
C LYS C 148 18.47 -6.73 -13.91
N VAL C 149 18.63 -8.05 -13.89
CA VAL C 149 17.87 -8.89 -12.99
C VAL C 149 18.41 -8.68 -11.57
N HIS C 150 17.50 -8.29 -10.67
CA HIS C 150 17.84 -7.98 -9.29
C HIS C 150 16.97 -8.81 -8.33
N GLY C 151 16.65 -10.05 -8.72
CA GLY C 151 15.83 -10.89 -7.86
C GLY C 151 15.14 -12.00 -8.63
N THR C 152 14.70 -13.03 -7.90
CA THR C 152 14.05 -14.19 -8.45
C THR C 152 12.89 -14.60 -7.54
N PRO C 153 11.79 -15.13 -8.12
CA PRO C 153 11.61 -15.28 -9.55
C PRO C 153 11.21 -13.94 -10.19
N SER C 154 11.66 -13.69 -11.42
CA SER C 154 11.32 -12.45 -12.13
C SER C 154 10.89 -12.75 -13.57
N PHE C 155 9.69 -12.29 -13.94
CA PHE C 155 9.14 -12.54 -15.27
C PHE C 155 9.23 -11.28 -16.13
N TYR C 156 9.89 -11.43 -17.29
CA TYR C 156 10.05 -10.38 -18.28
C TYR C 156 9.31 -10.83 -19.54
N VAL C 157 8.46 -9.94 -20.08
CA VAL C 157 7.64 -10.25 -21.25
C VAL C 157 8.07 -9.34 -22.42
N SER C 158 8.43 -9.98 -23.55
CA SER C 158 8.86 -9.29 -24.78
C SER C 158 10.03 -8.36 -24.47
N GLY C 159 10.84 -8.73 -23.48
CA GLY C 159 11.99 -7.92 -23.07
C GLY C 159 11.64 -6.45 -22.95
N LYS C 160 10.55 -6.14 -22.23
CA LYS C 160 10.09 -4.76 -22.08
C LYS C 160 9.21 -4.60 -20.83
N TYR C 161 8.49 -5.66 -20.45
CA TYR C 161 7.59 -5.61 -19.31
C TYR C 161 8.06 -6.55 -18.19
N HIS C 162 8.42 -5.97 -17.04
CA HIS C 162 8.80 -6.71 -15.84
C HIS C 162 7.58 -6.80 -14.92
N ILE C 163 7.18 -8.02 -14.55
CA ILE C 163 6.01 -8.26 -13.73
C ILE C 163 6.35 -8.06 -12.25
N ASN C 164 5.37 -7.50 -11.52
CA ASN C 164 5.43 -7.31 -10.08
C ASN C 164 4.64 -8.46 -9.46
N ASN C 165 5.38 -9.47 -8.99
CA ASN C 165 4.82 -10.70 -8.43
C ASN C 165 3.86 -10.47 -7.27
N ALA C 166 4.16 -9.49 -6.40
CA ALA C 166 3.34 -9.27 -5.19
C ALA C 166 2.07 -8.46 -5.48
N SER C 167 1.86 -8.05 -6.72
CA SER C 167 0.69 -7.19 -7.03
C SER C 167 -0.55 -8.00 -7.39
N LEU C 168 -0.42 -9.33 -7.51
CA LEU C 168 -1.55 -10.17 -7.97
C LEU C 168 -2.39 -10.70 -6.79
N ALA C 169 -3.54 -11.26 -7.17
CA ALA C 169 -4.58 -11.86 -6.30
C ALA C 169 -3.96 -12.62 -5.13
N GLN C 170 -4.54 -12.42 -3.94
CA GLN C 170 -4.01 -13.01 -2.70
C GLN C 170 -5.00 -14.00 -2.05
N ASP C 171 -6.16 -14.24 -2.69
CA ASP C 171 -7.18 -15.15 -2.13
C ASP C 171 -6.51 -16.47 -1.70
N ASP C 172 -5.95 -17.16 -2.69
CA ASP C 172 -5.23 -18.42 -2.45
C ASP C 172 -4.23 -18.61 -3.61
N TYR C 173 -3.32 -19.56 -3.45
CA TYR C 173 -2.26 -19.78 -4.43
C TYR C 173 -2.84 -20.09 -5.82
N ASP C 174 -4.00 -20.75 -5.87
CA ASP C 174 -4.64 -21.12 -7.15
C ASP C 174 -5.13 -19.88 -7.89
N THR C 175 -5.71 -18.94 -7.14
CA THR C 175 -6.22 -17.70 -7.71
C THR C 175 -5.01 -16.86 -8.15
N TYR C 176 -3.94 -16.93 -7.36
CA TYR C 176 -2.72 -16.19 -7.68
C TYR C 176 -2.14 -16.71 -9.01
N ALA C 177 -1.88 -18.02 -9.06
CA ALA C 177 -1.31 -18.68 -10.22
C ALA C 177 -2.12 -18.30 -11.47
N GLU C 178 -3.46 -18.36 -11.35
CA GLU C 178 -4.40 -18.03 -12.42
C GLU C 178 -4.24 -16.56 -12.84
N ASP C 179 -4.15 -15.66 -11.86
CA ASP C 179 -4.04 -14.19 -12.13
C ASP C 179 -2.76 -13.93 -12.92
N ALA C 181 -1.07 -15.90 -14.93
CA ALA C 181 -1.16 -16.35 -16.31
C ALA C 181 -1.91 -15.29 -17.13
N ASN C 182 -3.00 -14.77 -16.56
CA ASN C 182 -3.79 -13.75 -17.23
C ASN C 182 -2.91 -12.53 -17.52
N LEU C 183 -2.12 -12.10 -16.54
CA LEU C 183 -1.21 -10.93 -16.68
C LEU C 183 -0.16 -11.21 -17.76
N VAL C 184 0.31 -12.45 -17.83
CA VAL C 184 1.29 -12.80 -18.86
C VAL C 184 0.64 -12.64 -20.23
N LEU C 185 -0.56 -13.25 -20.40
CA LEU C 185 -1.29 -13.16 -21.67
C LEU C 185 -1.72 -11.72 -21.97
N PHE C 186 -1.84 -10.89 -20.93
CA PHE C 186 -2.23 -9.48 -21.13
C PHE C 186 -1.04 -8.72 -21.70
N LEU C 187 0.16 -9.01 -21.19
CA LEU C 187 1.37 -8.34 -21.60
C LEU C 187 1.84 -8.87 -22.96
N LEU C 188 1.63 -10.16 -23.23
CA LEU C 188 2.01 -10.76 -24.51
C LEU C 188 1.16 -10.19 -25.64
N ASN C 189 -0.17 -10.30 -25.47
CA ASN C 189 -1.13 -9.90 -26.49
C ASN C 189 -1.42 -8.40 -26.39
N LYS C 190 -0.35 -7.59 -26.33
CA LYS C 190 -0.47 -6.14 -26.22
C LYS C 190 0.65 -5.50 -27.06
N ASN D 2 12.24 -55.32 13.23
CA ASN D 2 13.56 -55.25 13.94
C ASN D 2 13.77 -53.86 14.54
N ALA D 3 14.15 -53.82 15.82
CA ALA D 3 14.44 -52.59 16.53
C ALA D 3 15.77 -52.04 16.00
N LYS D 4 15.66 -51.09 15.05
CA LYS D 4 16.80 -50.51 14.35
C LYS D 4 17.80 -49.95 15.37
N ASP D 5 19.09 -50.27 15.15
CA ASP D 5 20.19 -49.82 16.01
C ASP D 5 20.90 -48.63 15.37
N TYR D 6 21.47 -47.76 16.21
CA TYR D 6 22.16 -46.55 15.75
C TYR D 6 23.50 -46.43 16.47
N GLN D 7 24.51 -45.95 15.73
CA GLN D 7 25.85 -45.87 16.26
C GLN D 7 26.35 -44.44 16.41
N ALA D 8 27.01 -44.21 17.55
CA ALA D 8 27.65 -42.95 17.82
C ALA D 8 28.81 -42.82 16.83
N GLY D 9 28.89 -41.65 16.20
CA GLY D 9 29.89 -41.37 15.19
C GLY D 9 29.25 -41.29 13.81
N LYS D 10 28.36 -42.23 13.52
CA LYS D 10 27.68 -42.33 12.23
C LYS D 10 26.34 -41.57 12.22
N ASN D 11 25.47 -41.89 13.19
CA ASN D 11 24.10 -41.37 13.23
C ASN D 11 23.97 -40.19 14.20
N PHE D 12 24.90 -40.05 15.14
CA PHE D 12 24.87 -38.96 16.11
C PHE D 12 26.24 -38.81 16.76
N THR D 13 26.48 -37.61 17.33
CA THR D 13 27.70 -37.32 18.06
C THR D 13 27.36 -37.21 19.54
N VAL D 14 28.32 -37.56 20.40
CA VAL D 14 28.15 -37.47 21.84
C VAL D 14 28.88 -36.21 22.31
N ILE D 15 28.09 -35.19 22.70
CA ILE D 15 28.62 -33.91 23.17
C ILE D 15 28.46 -33.83 24.69
N HIS D 16 28.86 -32.68 25.25
CA HIS D 16 28.78 -32.40 26.68
C HIS D 16 28.95 -30.89 26.89
N SER D 17 27.83 -30.16 26.82
CA SER D 17 27.79 -28.69 26.96
C SER D 17 28.00 -28.29 28.43
N THR D 18 27.89 -26.98 28.69
CA THR D 18 28.06 -26.40 30.03
C THR D 18 26.70 -26.12 30.66
N VAL D 19 25.63 -26.25 29.87
CA VAL D 19 24.24 -26.02 30.33
C VAL D 19 23.94 -27.04 31.44
N LYS D 20 23.15 -26.61 32.43
CA LYS D 20 22.82 -27.43 33.58
C LYS D 20 21.47 -28.14 33.37
N GLN D 21 20.49 -27.41 32.81
CA GLN D 21 19.15 -27.96 32.57
C GLN D 21 18.84 -27.81 31.07
N PRO D 22 19.44 -28.65 30.21
CA PRO D 22 19.20 -28.56 28.76
C PRO D 22 17.87 -29.16 28.34
N PRO D 23 17.35 -28.80 27.15
CA PRO D 23 16.07 -29.34 26.68
C PRO D 23 16.17 -30.84 26.48
N PRO D 24 15.21 -31.66 26.99
CA PRO D 24 15.24 -33.09 26.75
C PRO D 24 15.29 -33.41 25.25
N LEU D 25 14.65 -32.54 24.45
CA LEU D 25 14.60 -32.65 22.98
C LEU D 25 14.42 -31.25 22.38
N VAL D 26 15.40 -30.86 21.55
CA VAL D 26 15.31 -29.56 20.90
C VAL D 26 15.73 -29.68 19.43
N GLU D 27 15.00 -28.94 18.60
CA GLU D 27 15.29 -28.77 17.21
C GLU D 27 15.58 -27.28 16.99
N PHE D 28 16.80 -26.96 16.58
CA PHE D 28 17.14 -25.58 16.26
C PHE D 28 16.78 -25.39 14.79
N PHE D 29 16.03 -24.32 14.50
CA PHE D 29 15.56 -24.09 13.17
C PHE D 29 15.59 -22.59 12.86
N SER D 30 15.28 -22.28 11.60
CA SER D 30 15.23 -20.94 11.06
C SER D 30 14.13 -20.92 10.00
N PHE D 31 13.26 -19.90 10.07
CA PHE D 31 12.18 -19.79 9.10
C PHE D 31 12.72 -19.49 7.70
N TYR D 32 14.01 -19.13 7.61
CA TYR D 32 14.67 -18.88 6.31
C TYR D 32 15.17 -20.18 5.66
N CYS D 33 15.28 -21.23 6.47
CA CYS D 33 15.89 -22.54 6.09
C CYS D 33 14.89 -23.45 5.37
N GLY D 34 15.19 -23.73 4.09
CA GLY D 34 14.35 -24.57 3.25
C GLY D 34 14.10 -25.93 3.90
N PRO D 35 15.16 -26.66 4.28
CA PRO D 35 15.02 -27.96 4.94
C PRO D 35 14.29 -27.84 6.29
N CYS D 36 14.37 -26.67 6.96
CA CYS D 36 13.60 -26.48 8.21
C CYS D 36 12.10 -26.46 7.88
N TYR D 37 11.75 -25.82 6.77
CA TYR D 37 10.36 -25.75 6.31
C TYR D 37 9.91 -27.18 5.94
N ALA D 38 10.76 -27.87 5.18
CA ALA D 38 10.50 -29.24 4.72
C ALA D 38 10.20 -30.17 5.90
N PHE D 39 10.91 -29.96 7.02
CA PHE D 39 10.78 -30.82 8.20
C PHE D 39 9.44 -30.60 8.91
N ALA D 40 8.88 -29.38 8.78
CA ALA D 40 7.63 -29.07 9.44
C ALA D 40 6.43 -29.24 8.52
N GLU D 41 6.65 -29.38 7.20
CA GLU D 41 5.47 -29.36 6.33
C GLU D 41 5.56 -30.34 5.15
N ARG D 42 6.76 -30.68 4.67
CA ARG D 42 6.87 -31.58 3.51
C ARG D 42 7.24 -32.99 3.94
N ILE D 43 8.45 -33.14 4.53
CA ILE D 43 8.94 -34.44 5.01
C ILE D 43 8.16 -34.82 6.28
N ASN D 44 7.72 -33.80 7.01
CA ASN D 44 6.93 -33.98 8.23
C ASN D 44 7.70 -34.80 9.28
N VAL D 45 8.98 -34.46 9.44
CA VAL D 45 9.81 -35.08 10.45
C VAL D 45 9.23 -34.71 11.83
N ASP D 46 8.94 -33.42 12.02
CA ASP D 46 8.42 -32.93 13.30
C ASP D 46 7.23 -33.78 13.76
N THR D 47 6.26 -34.00 12.86
CA THR D 47 5.03 -34.77 13.23
C THR D 47 5.39 -36.21 13.58
N ALA D 48 6.33 -36.79 12.84
CA ALA D 48 6.75 -38.18 13.07
C ALA D 48 7.26 -38.33 14.51
N ILE D 49 8.19 -37.45 14.90
CA ILE D 49 8.79 -37.47 16.25
C ILE D 49 7.72 -37.30 17.33
N ARG D 50 6.85 -36.31 17.16
CA ARG D 50 5.84 -35.97 18.17
C ARG D 50 4.87 -37.13 18.42
N LYS D 51 4.53 -37.89 17.38
CA LYS D 51 3.58 -39.01 17.51
C LYS D 51 4.17 -40.16 18.31
N ARG D 52 5.50 -40.13 18.52
CA ARG D 52 6.21 -41.21 19.18
C ARG D 52 6.67 -40.82 20.60
N LEU D 53 6.59 -39.53 20.94
CA LEU D 53 7.06 -39.03 22.24
C LEU D 53 6.12 -39.44 23.38
N PRO D 54 6.63 -39.59 24.62
CA PRO D 54 5.77 -39.83 25.78
C PRO D 54 4.95 -38.57 26.08
N ASP D 55 3.93 -38.69 26.94
CA ASP D 55 3.05 -37.57 27.29
C ASP D 55 3.81 -36.49 28.07
N ASP D 56 4.87 -36.87 28.78
CA ASP D 56 5.66 -35.93 29.58
C ASP D 56 6.82 -35.34 28.78
N LYS D 58 8.20 -33.24 25.04
CA LYS D 58 7.79 -32.23 24.07
C LYS D 58 8.97 -31.93 23.13
N LEU D 59 8.67 -31.83 21.82
CA LEU D 59 9.68 -31.41 20.85
C LEU D 59 9.72 -29.88 20.87
N GLU D 60 10.72 -29.31 21.54
CA GLU D 60 10.88 -27.87 21.57
C GLU D 60 11.60 -27.42 20.29
N LYS D 61 11.13 -26.32 19.71
CA LYS D 61 11.77 -25.77 18.54
C LYS D 61 12.32 -24.38 18.89
N TYR D 62 13.66 -24.27 18.83
CA TYR D 62 14.35 -23.01 19.11
C TYR D 62 14.82 -22.39 17.78
N HIS D 63 14.33 -21.17 17.50
CA HIS D 63 14.68 -20.42 16.33
C HIS D 63 16.05 -19.78 16.55
N VAL D 64 16.75 -19.50 15.44
CA VAL D 64 18.11 -18.95 15.44
C VAL D 64 18.08 -17.50 14.96
N SER D 65 18.21 -16.57 15.92
CA SER D 65 18.17 -15.13 15.66
C SER D 65 19.31 -14.67 14.75
N GLN D 66 20.48 -15.31 14.87
CA GLN D 66 21.69 -14.90 14.16
C GLN D 66 21.61 -15.23 12.66
N GLY D 68 19.91 -14.38 9.20
CA GLY D 68 19.12 -13.43 8.41
C GLY D 68 18.75 -12.15 9.16
N PRO D 69 18.37 -11.08 8.42
CA PRO D 69 18.07 -9.78 9.01
C PRO D 69 16.83 -9.72 9.93
N LEU D 70 15.87 -10.62 9.73
CA LEU D 70 14.63 -10.67 10.51
C LEU D 70 14.72 -11.74 11.61
N GLY D 71 15.88 -12.40 11.69
CA GLY D 71 16.13 -13.46 12.65
C GLY D 71 15.70 -13.09 14.07
N PRO D 72 16.20 -11.99 14.67
CA PRO D 72 15.77 -11.59 16.00
C PRO D 72 14.25 -11.36 16.09
N ALA D 73 13.65 -10.80 15.03
CA ALA D 73 12.19 -10.51 15.02
C ALA D 73 11.38 -11.81 14.90
N LEU D 74 11.97 -12.82 14.26
CA LEU D 74 11.32 -14.11 14.05
C LEU D 74 11.35 -14.92 15.34
N THR D 75 12.47 -14.86 16.08
CA THR D 75 12.61 -15.58 17.37
C THR D 75 11.58 -14.99 18.35
N GLU D 76 11.47 -13.66 18.32
CA GLU D 76 10.49 -12.98 19.13
C GLU D 76 9.11 -13.52 18.75
N ALA D 77 8.82 -13.53 17.44
CA ALA D 77 7.53 -13.98 16.92
C ALA D 77 7.20 -15.39 17.41
N TRP D 78 8.22 -16.28 17.39
CA TRP D 78 8.05 -17.67 17.80
C TRP D 78 7.77 -17.78 19.31
N ALA D 79 8.48 -16.99 20.13
CA ALA D 79 8.26 -16.99 21.61
C ALA D 79 6.85 -16.51 21.93
N VAL D 80 6.39 -15.50 21.18
CA VAL D 80 5.07 -14.91 21.33
C VAL D 80 4.00 -15.91 20.88
N ALA D 81 4.28 -16.59 19.78
CA ALA D 81 3.36 -17.57 19.17
C ALA D 81 3.06 -18.70 20.14
N GLN D 82 4.09 -19.17 20.85
CA GLN D 82 3.94 -20.27 21.79
C GLN D 82 3.10 -19.79 22.98
N TYR D 83 3.51 -18.66 23.55
CA TYR D 83 2.83 -18.03 24.69
C TYR D 83 1.35 -17.80 24.34
N ALA D 84 1.11 -17.27 23.13
CA ALA D 84 -0.23 -16.95 22.64
C ALA D 84 -1.01 -18.24 22.31
N GLY D 85 -0.29 -19.36 22.16
CA GLY D 85 -0.89 -20.65 21.84
C GLY D 85 -1.32 -20.75 20.38
N VAL D 86 -0.60 -20.09 19.48
CA VAL D 86 -0.92 -20.12 18.04
C VAL D 86 0.30 -20.62 17.26
N ASP D 87 1.34 -21.06 17.97
CA ASP D 87 2.57 -21.59 17.34
C ASP D 87 2.21 -22.63 16.28
N GLY D 88 1.24 -23.50 16.61
CA GLY D 88 0.80 -24.55 15.70
C GLY D 88 0.23 -24.00 14.39
N LYS D 89 -0.47 -22.87 14.47
CA LYS D 89 -1.08 -22.29 13.28
C LYS D 89 -0.14 -21.32 12.55
N VAL D 90 0.78 -20.66 13.26
CA VAL D 90 1.61 -19.60 12.63
C VAL D 90 2.92 -20.14 12.05
N GLU D 91 3.34 -21.34 12.46
CA GLU D 91 4.60 -21.88 11.95
C GLU D 91 4.60 -21.88 10.42
N LYS D 92 3.55 -22.42 9.81
CA LYS D 92 3.45 -22.54 8.35
C LYS D 92 3.24 -21.17 7.69
N LEU D 93 2.65 -20.23 8.42
CA LEU D 93 2.41 -18.92 7.84
C LEU D 93 3.74 -18.15 7.72
N LEU D 94 4.61 -18.30 8.72
CA LEU D 94 5.90 -17.62 8.72
C LEU D 94 6.81 -18.24 7.66
N PHE D 95 6.84 -19.58 7.59
CA PHE D 95 7.64 -20.26 6.57
C PHE D 95 7.21 -19.85 5.17
N GLU D 96 5.90 -19.74 4.93
CA GLU D 96 5.36 -19.37 3.61
C GLU D 96 5.69 -17.90 3.30
N GLY D 97 5.63 -17.06 4.34
CA GLY D 97 5.86 -15.61 4.20
C GLY D 97 7.28 -15.26 3.79
N LEU D 98 8.22 -16.17 4.08
CA LEU D 98 9.64 -15.97 3.78
C LEU D 98 10.12 -16.86 2.62
N GLN D 99 9.46 -17.99 2.38
CA GLN D 99 9.99 -18.93 1.40
C GLN D 99 9.05 -19.18 0.22
N VAL D 100 7.76 -18.85 0.35
CA VAL D 100 6.79 -19.09 -0.72
C VAL D 100 6.38 -17.75 -1.32
N LYS D 101 5.88 -16.84 -0.47
CA LYS D 101 5.37 -15.53 -0.89
C LYS D 101 6.45 -14.45 -0.76
N ARG D 102 7.44 -14.70 0.10
CA ARG D 102 8.49 -13.73 0.40
C ARG D 102 7.83 -12.35 0.54
N ASP D 103 6.74 -12.28 1.32
CA ASP D 103 6.03 -11.03 1.54
C ASP D 103 6.37 -10.52 2.95
N ILE D 104 7.18 -11.28 3.69
CA ILE D 104 7.63 -10.84 5.02
C ILE D 104 9.04 -10.27 4.82
N LYS D 105 9.16 -8.93 4.88
CA LYS D 105 10.43 -8.26 4.62
C LYS D 105 10.86 -7.41 5.81
N THR D 106 9.88 -6.97 6.61
CA THR D 106 10.14 -6.13 7.77
C THR D 106 9.54 -6.78 9.02
N ALA D 107 9.86 -6.18 10.19
CA ALA D 107 9.32 -6.66 11.44
C ALA D 107 7.80 -6.43 11.45
N ALA D 108 7.36 -5.38 10.73
CA ALA D 108 5.94 -5.03 10.69
C ALA D 108 5.13 -6.11 9.95
N ASP D 109 5.74 -6.72 8.92
CA ASP D 109 5.07 -7.78 8.14
C ASP D 109 4.80 -8.98 9.04
N ILE D 110 5.77 -9.30 9.92
CA ILE D 110 5.63 -10.41 10.86
C ILE D 110 4.32 -10.23 11.64
N VAL D 111 4.11 -9.01 12.14
CA VAL D 111 2.92 -8.66 12.92
C VAL D 111 1.67 -8.93 12.07
N LYS D 112 1.75 -8.63 10.77
CA LYS D 112 0.61 -8.83 9.83
C LYS D 112 0.14 -10.28 9.85
N VAL D 113 1.05 -11.22 10.08
CA VAL D 113 0.70 -12.64 10.12
C VAL D 113 -0.17 -12.89 11.36
N PHE D 114 0.22 -12.28 12.49
CA PHE D 114 -0.52 -12.45 13.76
C PHE D 114 -1.91 -11.80 13.66
N ASN D 115 -1.97 -10.61 13.02
CA ASN D 115 -3.21 -9.85 12.81
C ASN D 115 -4.26 -10.71 12.09
N GLN D 116 -3.82 -11.53 11.13
CA GLN D 116 -4.72 -12.41 10.37
C GLN D 116 -5.40 -13.42 11.30
N LEU D 117 -4.70 -13.78 12.38
CA LEU D 117 -5.19 -14.74 13.38
C LEU D 117 -6.10 -14.00 14.38
N GLY D 118 -6.21 -12.69 14.25
CA GLY D 118 -7.07 -11.88 15.14
C GLY D 118 -6.31 -11.27 16.30
N ILE D 119 -4.99 -11.40 16.28
CA ILE D 119 -4.14 -10.81 17.31
C ILE D 119 -3.74 -9.41 16.83
N THR D 120 -4.29 -8.40 17.52
CA THR D 120 -4.05 -7.01 17.17
C THR D 120 -2.58 -6.64 17.40
N SER D 121 -2.17 -5.54 16.76
CA SER D 121 -0.83 -4.99 16.84
C SER D 121 -0.52 -4.54 18.28
N GLU D 122 -1.54 -4.04 18.97
CA GLU D 122 -1.41 -3.59 20.36
C GLU D 122 -1.13 -4.80 21.27
N LYS D 123 -1.86 -5.89 21.04
CA LYS D 123 -1.75 -7.10 21.84
C LYS D 123 -0.37 -7.75 21.61
N TYR D 124 0.09 -7.75 20.34
CA TYR D 124 1.39 -8.35 20.00
C TYR D 124 2.52 -7.58 20.71
N ALA D 125 2.36 -6.25 20.81
CA ALA D 125 3.33 -5.38 21.47
C ALA D 125 3.33 -5.69 22.98
N GLU D 126 2.14 -5.99 23.50
N GLU D 126 2.15 -6.01 23.51
CA GLU D 126 1.97 -6.37 24.89
CA GLU D 126 2.01 -6.35 24.92
C GLU D 126 2.72 -7.68 25.15
C GLU D 126 2.69 -7.71 25.18
N GLN D 128 5.16 -8.93 23.35
CA GLN D 128 6.61 -8.73 23.18
C GLN D 128 7.24 -8.38 24.52
N SER D 129 6.45 -7.70 25.37
CA SER D 129 6.88 -7.20 26.67
C SER D 129 6.72 -8.26 27.77
N ASN D 130 5.93 -9.31 27.53
CA ASN D 130 5.71 -10.34 28.55
C ASN D 130 7.07 -10.92 29.00
N PHE D 131 7.24 -11.03 30.31
CA PHE D 131 8.48 -11.48 30.95
C PHE D 131 8.85 -12.93 30.55
N VAL D 133 7.87 -14.31 27.73
CA VAL D 133 8.15 -14.23 26.30
C VAL D 133 9.64 -13.88 26.13
N LYS D 134 10.14 -12.97 26.97
N LYS D 134 10.13 -12.96 26.97
CA LYS D 134 11.56 -12.54 26.88
CA LYS D 134 11.53 -12.54 26.94
C LYS D 134 12.48 -13.63 27.44
C LYS D 134 12.45 -13.67 27.41
N ALA D 135 11.99 -14.39 28.43
CA ALA D 135 12.78 -15.47 29.00
C ALA D 135 13.02 -16.52 27.91
N LEU D 136 11.96 -16.83 27.17
CA LEU D 136 12.03 -17.83 26.12
C LEU D 136 12.89 -17.31 24.97
N ILE D 137 12.85 -15.99 24.73
CA ILE D 137 13.69 -15.36 23.68
C ILE D 137 15.17 -15.55 24.05
N ALA D 138 15.50 -15.30 25.33
CA ALA D 138 16.87 -15.43 25.82
C ALA D 138 17.28 -16.91 25.83
N ARG D 139 16.34 -17.77 26.21
CA ARG D 139 16.53 -19.23 26.27
C ARG D 139 17.00 -19.75 24.90
N GLN D 140 16.33 -19.30 23.84
CA GLN D 140 16.66 -19.71 22.47
C GLN D 140 18.10 -19.29 22.12
N ASP D 141 18.37 -17.99 22.20
CA ASP D 141 19.68 -17.41 21.84
C ASP D 141 20.82 -18.05 22.64
N ASN D 142 20.61 -18.28 23.94
CA ASN D 142 21.67 -18.82 24.79
C ASN D 142 22.10 -20.23 24.35
N LEU D 143 21.13 -21.14 24.24
N LEU D 143 21.14 -21.14 24.25
CA LEU D 143 21.40 -22.53 23.87
CA LEU D 143 21.44 -22.53 23.88
C LEU D 143 22.04 -22.59 22.47
C LEU D 143 22.03 -22.60 22.46
N VAL D 144 21.73 -21.61 21.60
CA VAL D 144 22.32 -21.59 20.25
C VAL D 144 23.85 -21.55 20.42
N GLU D 145 24.31 -20.63 21.28
CA GLU D 145 25.75 -20.44 21.57
C GLU D 145 26.27 -21.54 22.51
N LYS D 146 25.47 -21.97 23.49
CA LYS D 146 25.91 -22.97 24.47
C LYS D 146 26.00 -24.36 23.84
N LYS D 148 26.42 -24.71 20.72
CA LYS D 148 27.33 -24.43 19.59
C LYS D 148 26.68 -24.92 18.29
N VAL D 149 25.44 -24.49 18.05
CA VAL D 149 24.69 -24.86 16.87
C VAL D 149 25.41 -24.30 15.64
N HIS D 150 25.62 -25.19 14.66
CA HIS D 150 26.37 -24.90 13.43
C HIS D 150 25.54 -25.17 12.17
N GLY D 151 24.24 -25.46 12.36
CA GLY D 151 23.38 -25.72 11.22
C GLY D 151 21.93 -25.89 11.62
N THR D 152 21.04 -25.84 10.63
CA THR D 152 19.62 -26.04 10.83
C THR D 152 19.09 -26.82 9.64
N PRO D 153 18.10 -27.71 9.86
CA PRO D 153 17.59 -28.00 11.19
C PRO D 153 18.65 -28.86 11.90
N SER D 154 18.66 -28.81 13.23
N SER D 154 18.65 -28.81 13.24
CA SER D 154 19.61 -29.58 14.03
CA SER D 154 19.60 -29.55 14.05
C SER D 154 18.94 -30.03 15.34
C SER D 154 18.93 -30.03 15.35
N PHE D 155 18.98 -31.34 15.58
CA PHE D 155 18.36 -31.94 16.78
C PHE D 155 19.41 -32.34 17.82
N TYR D 156 19.13 -31.96 19.07
CA TYR D 156 19.95 -32.29 20.24
C TYR D 156 19.02 -33.03 21.20
N VAL D 157 19.46 -34.20 21.67
CA VAL D 157 18.66 -35.04 22.55
C VAL D 157 19.32 -35.12 23.93
N SER D 158 18.53 -34.82 24.98
CA SER D 158 18.94 -34.90 26.38
C SER D 158 20.15 -34.00 26.67
N GLY D 159 20.48 -33.11 25.73
CA GLY D 159 21.63 -32.22 25.89
C GLY D 159 22.98 -32.93 25.75
N LYS D 160 23.00 -34.09 25.08
CA LYS D 160 24.26 -34.86 24.94
C LYS D 160 24.38 -35.56 23.59
N TYR D 161 23.32 -35.54 22.77
CA TYR D 161 23.39 -36.20 21.48
C TYR D 161 22.92 -35.28 20.37
N HIS D 162 23.80 -35.04 19.38
CA HIS D 162 23.44 -34.26 18.21
C HIS D 162 23.29 -35.22 17.02
N ILE D 163 22.10 -35.21 16.41
CA ILE D 163 21.74 -36.11 15.33
C ILE D 163 22.37 -35.68 14.01
N ASN D 164 22.81 -36.69 13.25
CA ASN D 164 23.33 -36.51 11.91
C ASN D 164 22.15 -36.78 10.98
N ASN D 165 21.59 -35.68 10.42
CA ASN D 165 20.40 -35.73 9.60
C ASN D 165 20.61 -36.51 8.30
N ALA D 166 21.83 -36.48 7.76
CA ALA D 166 22.06 -37.16 6.49
C ALA D 166 22.57 -38.60 6.73
N SER D 167 22.30 -39.17 7.89
CA SER D 167 22.77 -40.54 8.17
C SER D 167 21.59 -41.53 8.15
N LEU D 168 20.37 -41.00 8.02
CA LEU D 168 19.16 -41.84 8.13
C LEU D 168 18.60 -42.24 6.77
N ALA D 169 17.48 -42.97 6.85
CA ALA D 169 16.72 -43.52 5.71
C ALA D 169 16.76 -42.54 4.54
N GLN D 170 17.16 -43.05 3.37
CA GLN D 170 17.28 -42.25 2.17
C GLN D 170 16.19 -42.61 1.15
N ASP D 171 16.03 -41.75 0.14
CA ASP D 171 15.19 -41.97 -1.06
C ASP D 171 13.68 -41.78 -0.84
N ASP D 172 13.19 -41.99 0.40
CA ASP D 172 11.75 -41.85 0.64
C ASP D 172 11.53 -40.96 1.86
N TYR D 173 10.84 -39.83 1.66
CA TYR D 173 10.65 -38.86 2.75
C TYR D 173 9.89 -39.48 3.93
N ASP D 174 8.83 -40.26 3.64
CA ASP D 174 8.03 -40.91 4.68
C ASP D 174 8.92 -41.86 5.52
N THR D 175 9.77 -42.64 4.83
CA THR D 175 10.70 -43.57 5.51
C THR D 175 11.73 -42.75 6.31
N TYR D 176 12.20 -41.65 5.70
CA TYR D 176 13.20 -40.83 6.36
C TYR D 176 12.63 -40.25 7.67
N ALA D 177 11.40 -39.74 7.61
CA ALA D 177 10.73 -39.11 8.75
C ALA D 177 10.60 -40.11 9.90
N GLU D 178 10.09 -41.30 9.54
CA GLU D 178 9.91 -42.46 10.43
C GLU D 178 11.22 -42.84 11.13
N ASP D 179 12.29 -42.98 10.34
CA ASP D 179 13.63 -43.37 10.83
C ASP D 179 14.12 -42.30 11.81
N ALA D 181 12.40 -40.29 13.66
CA ALA D 181 11.66 -40.41 14.89
C ALA D 181 12.27 -41.56 15.70
N ASN D 182 12.47 -42.69 15.03
CA ASN D 182 13.06 -43.89 15.63
C ASN D 182 14.40 -43.53 16.29
N LEU D 183 15.21 -42.73 15.59
CA LEU D 183 16.52 -42.33 16.13
C LEU D 183 16.30 -41.51 17.41
N VAL D 184 15.41 -40.51 17.32
CA VAL D 184 15.14 -39.61 18.44
C VAL D 184 14.75 -40.44 19.67
N LEU D 185 13.86 -41.43 19.51
CA LEU D 185 13.44 -42.25 20.67
C LEU D 185 14.58 -43.11 21.20
N PHE D 186 15.40 -43.65 20.29
CA PHE D 186 16.54 -44.48 20.65
C PHE D 186 17.44 -43.70 21.61
N LEU D 187 17.64 -42.41 21.31
CA LEU D 187 18.50 -41.53 22.10
C LEU D 187 17.84 -41.17 23.43
N LEU D 188 16.53 -40.86 23.39
CA LEU D 188 15.74 -40.54 24.59
C LEU D 188 15.68 -41.75 25.54
N ASN D 189 15.83 -42.96 24.98
CA ASN D 189 15.75 -44.18 25.75
C ASN D 189 17.13 -44.58 26.30
N LYS D 190 18.14 -43.75 26.07
CA LYS D 190 19.52 -44.00 26.58
C LYS D 190 19.55 -43.81 28.09
N PRO D 191 20.54 -44.41 28.81
CA PRO D 191 20.64 -44.24 30.26
C PRO D 191 20.85 -42.78 30.70
N LEU D 192 20.49 -42.49 31.96
CA LEU D 192 20.67 -41.17 32.53
C LEU D 192 22.16 -40.94 32.78
#